data_8BOX
#
_entry.id   8BOX
#
_cell.length_a   118.978
_cell.length_b   177.894
_cell.length_c   234.307
_cell.angle_alpha   90.00
_cell.angle_beta   90.00
_cell.angle_gamma   90.00
#
_symmetry.space_group_name_H-M   'I 2 2 2'
#
loop_
_entity.id
_entity.type
_entity.pdbx_description
1 polymer 'Lysine-specific histone demethylase 1A'
2 polymer 'REST corepressor 1'
3 polymer 'Zinc finger protein SNAI1'
4 non-polymer '[[(2~{R},3~{S},4~{R},5~{R})-5-(6-aminopurin-9-yl)-3,4-bis(oxidanyl)oxolan-2-yl]methoxy-oxidanyl-phosphoryl] [(2~{R},3~{S},4~{S})-5-[7,8-dimethyl-2,4-bis(oxidanylidene)-5-[3-[4-(3-phenylphenyl)phenyl]propanoyl]-1~{H}-benzo[g]pteridin-10-yl]-2,3,4-tris(oxidanyl)pentyl] hydrogen phosphate'
#
loop_
_entity_poly.entity_id
_entity_poly.type
_entity_poly.pdbx_seq_one_letter_code
_entity_poly.pdbx_strand_id
1 'polypeptide(L)'
;GSSHHHHHHSSGLVPRGSHMLSGKKAAAAAAAAAAAATGTEAGPGTAGGSENGSEVAAQPAGLSGPAEVGPGAVGERTPR
KKEPPRASPPGGLAEPPGSAGPQAGPTVVPGSATPMETGIAETPEGRRTSRRKRAKVEYREMDESLANLSEDEYYSEEER
NAKAEKEKKLPPPPPQAPPEEENESEPEEPSGVEGAAFQSRLPHDRMTSQEAACFPDIISGPQQTQKVFLFIRNRTLQLW
LDNPKIQLTFEATLQQLEAPYNSDTVLVHRVHSYLERHGLINFGIYKRIKPLPTKKTGKVIIIGSGVSGLAAARQLQSFG
MDVTLLEARDRVGGRVATFRKGNYVADLGAMVVTGLGGNPMAVVSKQVNMELAKIKQKCPLYEANGQAVPKEKDEMVEQE
FNRLLEATSYLSHQLDFNVLNNKPVSLGQALEVVIQLQEKHVKDEQIEHWKKIVKTQEELKELLNKMVNLKEKIKELHQQ
YKEASEVKPPRDITAEFLVKSKHRDLTALCKEYDELAETQGKLEEKLQELEANPPSDVYLSSRDRQILDWHFANLEFANA
TPLSTLSLKHWDQDDDFEFTGSHLTVRNGYSCVPVALAEGLDIKLNTAVRQVRYTASGCEVIAVNTRSTSQTFIYKCDAV
LCTLPLGVLKQQPPAVQFVPPLPEWKTSAVQRMGFGNLNKVVLCFDRVFWDPSVNLFGHVGSTTASRGELFLFWNLYKAP
ILLALVAGEAAGIMENISDDVIVGRCLAILKGIFGSSAVPQPKETVVSRWRADPWARGSYSYVAAGSSGNDYDLMAQPIT
PGPSIPGAPQPIPRLFFAGEHTIRNYPATVHGALLSGLREAGRIADQFLGAMYTLPRQATPGVPAQQSPSM
;
A
2 'polypeptide(L)'
;GPLGSPEFRAKRKPPKGMFLSQEDVEAVSANATAATTVLRQLDMELVSVKRQIQNIKQTNSALKEKLDGGIEPYRLPEVI
QKCNARWTTEEQLLAVQAIRKYGRDFQAISDVIGNKSVVQVKNFFVNYRRRFNIDEVLQEWEAE
;
B
3 'polypeptide(L)' PRSFLVRKP C
#
# COMPACT_ATOMS: atom_id res chain seq x y z
N PRO A 190 -14.35 -24.23 2.21
CA PRO A 190 -14.71 -25.58 1.71
C PRO A 190 -15.15 -26.54 2.84
N SER A 191 -15.68 -27.71 2.46
CA SER A 191 -16.20 -28.69 3.42
C SER A 191 -16.09 -30.10 2.84
N GLY A 192 -15.90 -31.07 3.74
CA GLY A 192 -15.78 -32.47 3.36
C GLY A 192 -14.38 -33.01 3.58
N VAL A 193 -13.99 -34.05 2.83
CA VAL A 193 -12.56 -34.34 2.75
C VAL A 193 -11.87 -33.21 2.02
N GLU A 194 -12.61 -32.51 1.15
CA GLU A 194 -12.23 -31.21 0.60
C GLU A 194 -11.70 -30.25 1.67
N GLY A 195 -12.51 -29.99 2.69
CA GLY A 195 -12.19 -28.96 3.65
C GLY A 195 -11.01 -29.33 4.50
N ALA A 196 -10.81 -30.62 4.76
CA ALA A 196 -9.66 -31.06 5.55
C ALA A 196 -8.35 -30.73 4.85
N ALA A 197 -8.29 -30.88 3.53
CA ALA A 197 -7.09 -30.48 2.79
C ALA A 197 -6.83 -28.98 2.92
N PHE A 198 -7.85 -28.17 2.68
CA PHE A 198 -7.69 -26.73 2.79
C PHE A 198 -7.25 -26.37 4.22
N GLN A 199 -7.85 -26.98 5.23
CA GLN A 199 -7.57 -26.71 6.63
C GLN A 199 -6.26 -27.34 7.09
N SER A 200 -5.52 -27.92 6.16
CA SER A 200 -4.16 -28.38 6.41
C SER A 200 -3.18 -27.72 5.44
N ARG A 201 -3.56 -26.57 4.90
CA ARG A 201 -2.78 -25.83 3.89
C ARG A 201 -2.37 -26.71 2.72
N LEU A 202 -3.25 -27.63 2.31
CA LEU A 202 -2.92 -28.59 1.25
C LEU A 202 -3.88 -28.49 0.06
N PRO A 203 -3.36 -28.51 -1.18
CA PRO A 203 -4.26 -28.66 -2.34
C PRO A 203 -4.96 -30.01 -2.29
N HIS A 204 -6.29 -29.99 -2.35
CA HIS A 204 -7.09 -31.20 -2.25
C HIS A 204 -7.04 -32.07 -3.49
N ASP A 205 -6.68 -31.52 -4.65
CA ASP A 205 -6.80 -32.21 -5.93
C ASP A 205 -5.48 -32.49 -6.60
N ARG A 206 -4.38 -32.07 -6.01
CA ARG A 206 -3.06 -32.18 -6.59
C ARG A 206 -2.13 -32.67 -5.49
N MET A 207 -1.05 -33.35 -5.89
CA MET A 207 -0.04 -33.73 -4.92
C MET A 207 1.06 -32.68 -4.80
N THR A 208 1.48 -32.45 -3.56
CA THR A 208 2.48 -31.45 -3.21
C THR A 208 3.87 -31.96 -3.52
N SER A 209 4.83 -31.05 -3.51
CA SER A 209 6.22 -31.44 -3.72
C SER A 209 6.72 -32.33 -2.58
N GLN A 210 6.23 -32.06 -1.36
CA GLN A 210 6.41 -32.96 -0.20
C GLN A 210 6.12 -34.41 -0.58
N GLU A 211 4.89 -34.67 -1.07
CA GLU A 211 4.40 -36.02 -1.28
C GLU A 211 5.03 -36.67 -2.50
N ALA A 212 5.29 -35.88 -3.53
CA ALA A 212 6.08 -36.39 -4.65
C ALA A 212 7.36 -37.06 -4.16
N ALA A 213 7.95 -36.54 -3.09
CA ALA A 213 9.23 -37.05 -2.62
C ALA A 213 9.05 -38.37 -1.89
N CYS A 214 8.05 -38.48 -1.01
CA CYS A 214 7.78 -39.72 -0.32
C CYS A 214 7.05 -40.75 -1.17
N PHE A 215 6.30 -40.35 -2.20
CA PHE A 215 5.52 -41.29 -3.00
C PHE A 215 5.86 -41.18 -4.47
N PRO A 216 7.14 -41.28 -4.84
CA PRO A 216 7.48 -41.09 -6.26
C PRO A 216 6.82 -42.09 -7.16
N ASP A 217 6.60 -43.32 -6.70
CA ASP A 217 5.79 -44.28 -7.44
C ASP A 217 4.44 -43.65 -7.85
N ILE A 218 3.71 -43.09 -6.88
CA ILE A 218 2.33 -42.65 -7.12
C ILE A 218 2.29 -41.53 -8.15
N ILE A 219 2.93 -40.43 -7.79
CA ILE A 219 2.91 -39.21 -8.63
C ILE A 219 3.42 -39.54 -10.01
N SER A 220 4.28 -40.54 -10.16
CA SER A 220 4.73 -40.83 -11.53
C SER A 220 3.85 -41.90 -12.15
N GLY A 221 2.96 -42.47 -11.33
CA GLY A 221 2.08 -43.57 -11.72
C GLY A 221 0.83 -43.11 -12.41
N PRO A 222 -0.09 -44.04 -12.72
CA PRO A 222 -1.31 -43.70 -13.39
C PRO A 222 -2.11 -42.70 -12.54
N GLN A 223 -2.79 -41.79 -13.23
CA GLN A 223 -3.59 -40.69 -12.63
C GLN A 223 -4.70 -41.25 -11.75
N GLN A 224 -5.27 -42.41 -12.08
CA GLN A 224 -6.32 -42.95 -11.21
C GLN A 224 -5.74 -43.17 -9.83
N THR A 225 -4.56 -43.76 -9.71
CA THR A 225 -4.01 -44.04 -8.36
C THR A 225 -3.76 -42.75 -7.60
N GLN A 226 -3.33 -41.69 -8.28
CA GLN A 226 -3.09 -40.42 -7.56
C GLN A 226 -4.40 -40.00 -6.90
N LYS A 227 -5.51 -40.05 -7.64
CA LYS A 227 -6.80 -39.68 -7.05
C LYS A 227 -7.07 -40.58 -5.84
N VAL A 228 -6.63 -41.82 -5.92
CA VAL A 228 -6.94 -42.70 -4.81
C VAL A 228 -6.19 -42.23 -3.57
N PHE A 229 -4.88 -42.05 -3.73
CA PHE A 229 -4.02 -41.55 -2.66
C PHE A 229 -4.56 -40.24 -2.10
N LEU A 230 -4.95 -39.33 -2.99
CA LEU A 230 -5.40 -38.01 -2.56
C LEU A 230 -6.61 -38.13 -1.65
N PHE A 231 -7.50 -39.10 -1.93
CA PHE A 231 -8.69 -39.24 -1.10
C PHE A 231 -8.32 -39.77 0.28
N ILE A 232 -7.44 -40.77 0.32
CA ILE A 232 -7.07 -41.34 1.61
C ILE A 232 -6.15 -40.41 2.36
N ARG A 233 -5.41 -39.54 1.67
CA ARG A 233 -4.84 -38.38 2.36
C ARG A 233 -5.95 -37.56 3.03
N ASN A 234 -6.91 -37.09 2.22
CA ASN A 234 -7.85 -36.09 2.72
C ASN A 234 -8.75 -36.65 3.81
N ARG A 235 -9.03 -37.96 3.76
CA ARG A 235 -9.97 -38.56 4.70
C ARG A 235 -9.33 -38.73 6.08
N THR A 236 -8.13 -39.31 6.13
CA THR A 236 -7.33 -39.29 7.35
C THR A 236 -7.18 -37.89 7.91
N LEU A 237 -6.82 -36.93 7.06
CA LEU A 237 -6.78 -35.55 7.50
C LEU A 237 -8.06 -35.19 8.22
N GLN A 238 -9.20 -35.46 7.57
CA GLN A 238 -10.50 -35.16 8.17
C GLN A 238 -10.66 -35.86 9.50
N LEU A 239 -10.34 -37.15 9.55
CA LEU A 239 -10.53 -37.90 10.77
C LEU A 239 -9.75 -37.28 11.93
N TRP A 240 -8.51 -36.88 11.67
CA TRP A 240 -7.75 -36.16 12.70
C TRP A 240 -8.45 -34.86 13.07
N LEU A 241 -8.86 -34.09 12.05
CA LEU A 241 -9.34 -32.75 12.30
C LEU A 241 -10.65 -32.74 13.10
N ASP A 242 -11.50 -33.78 12.94
CA ASP A 242 -12.80 -33.60 13.58
C ASP A 242 -12.70 -33.92 15.07
N ASN A 243 -11.72 -34.73 15.46
CA ASN A 243 -11.44 -34.99 16.86
C ASN A 243 -9.93 -34.96 17.05
N PRO A 244 -9.38 -33.82 17.41
CA PRO A 244 -7.93 -33.73 17.58
C PRO A 244 -7.53 -33.78 19.05
N LYS A 245 -8.36 -34.34 19.90
CA LYS A 245 -7.98 -34.57 21.28
C LYS A 245 -7.54 -36.02 21.53
N ILE A 246 -7.64 -36.90 20.52
CA ILE A 246 -7.23 -38.29 20.60
C ILE A 246 -6.25 -38.59 19.48
N GLN A 247 -5.27 -39.45 19.77
CA GLN A 247 -4.38 -39.94 18.73
C GLN A 247 -5.20 -40.62 17.63
N LEU A 248 -4.80 -40.38 16.39
CA LEU A 248 -5.42 -41.05 15.25
C LEU A 248 -4.53 -42.22 14.86
N THR A 249 -4.90 -43.42 15.28
CA THR A 249 -4.04 -44.55 14.98
C THR A 249 -4.21 -44.92 13.52
N PHE A 250 -3.29 -45.72 13.01
CA PHE A 250 -3.43 -46.18 11.62
C PHE A 250 -4.58 -47.16 11.50
N GLU A 251 -4.73 -48.03 12.49
CA GLU A 251 -5.75 -49.06 12.40
C GLU A 251 -7.10 -48.58 12.87
N ALA A 252 -7.17 -47.55 13.74
CA ALA A 252 -8.43 -46.81 13.85
C ALA A 252 -8.75 -46.09 12.55
N THR A 253 -7.75 -45.77 11.74
CA THR A 253 -8.00 -45.05 10.51
C THR A 253 -8.57 -45.96 9.43
N LEU A 254 -7.92 -47.11 9.21
CA LEU A 254 -8.36 -48.03 8.18
C LEU A 254 -9.78 -48.53 8.45
N GLN A 255 -10.21 -48.51 9.71
CA GLN A 255 -11.57 -48.91 10.04
C GLN A 255 -12.59 -47.91 9.52
N GLN A 256 -12.34 -46.62 9.73
CA GLN A 256 -13.31 -45.64 9.19
C GLN A 256 -13.11 -45.53 7.70
N LEU A 257 -12.02 -46.07 7.18
CA LEU A 257 -11.79 -46.00 5.73
C LEU A 257 -12.75 -46.97 5.03
N GLU A 258 -13.10 -46.68 3.78
CA GLU A 258 -14.12 -47.48 3.07
C GLU A 258 -13.59 -47.96 1.72
N ALA A 259 -14.17 -49.02 1.20
CA ALA A 259 -13.78 -49.59 -0.10
C ALA A 259 -14.15 -48.65 -1.24
N PRO A 260 -13.39 -48.62 -2.34
CA PRO A 260 -12.31 -49.57 -2.57
C PRO A 260 -10.98 -49.08 -1.96
N TYR A 261 -11.02 -47.87 -1.43
CA TYR A 261 -9.83 -47.26 -0.80
C TYR A 261 -9.26 -48.20 0.25
N ASN A 262 -10.08 -48.66 1.20
CA ASN A 262 -9.49 -49.50 2.24
C ASN A 262 -8.98 -50.86 1.70
N SER A 263 -8.81 -51.00 0.39
CA SER A 263 -8.32 -52.27 -0.16
C SER A 263 -6.81 -52.39 -0.05
N ASP A 264 -6.08 -51.29 -0.30
CA ASP A 264 -4.61 -51.32 -0.28
C ASP A 264 -4.13 -50.94 1.12
N THR A 265 -4.06 -51.96 1.96
CA THR A 265 -3.58 -51.76 3.33
C THR A 265 -2.21 -51.06 3.38
N VAL A 266 -1.35 -51.20 2.37
CA VAL A 266 -0.03 -50.58 2.51
C VAL A 266 -0.10 -49.09 2.23
N LEU A 267 -0.81 -48.70 1.17
CA LEU A 267 -0.92 -47.29 0.83
C LEU A 267 -1.53 -46.50 1.97
N VAL A 268 -2.55 -47.06 2.63
CA VAL A 268 -3.05 -46.44 3.85
C VAL A 268 -1.93 -46.29 4.86
N HIS A 269 -1.21 -47.37 5.14
CA HIS A 269 -0.16 -47.28 6.14
C HIS A 269 0.91 -46.28 5.73
N ARG A 270 1.27 -46.26 4.44
CA ARG A 270 2.25 -45.27 3.96
C ARG A 270 1.74 -43.85 4.18
N VAL A 271 0.49 -43.57 3.80
CA VAL A 271 -0.08 -42.23 3.94
C VAL A 271 -0.10 -41.83 5.41
N HIS A 272 -0.72 -42.65 6.26
CA HIS A 272 -0.85 -42.29 7.66
C HIS A 272 0.50 -41.98 8.28
N SER A 273 1.53 -42.73 7.89
CA SER A 273 2.82 -42.53 8.51
C SER A 273 3.47 -41.25 8.04
N TYR A 274 3.36 -40.96 6.73
CA TYR A 274 3.80 -39.68 6.19
C TYR A 274 3.12 -38.51 6.91
N LEU A 275 1.80 -38.58 7.06
CA LEU A 275 1.09 -37.52 7.76
C LEU A 275 1.56 -37.41 9.20
N GLU A 276 1.78 -38.54 9.84
CA GLU A 276 2.12 -38.51 11.24
C GLU A 276 3.54 -37.98 11.42
N ARG A 277 4.44 -38.33 10.50
CA ARG A 277 5.81 -37.88 10.61
C ARG A 277 5.86 -36.37 10.46
N HIS A 278 5.16 -35.86 9.47
CA HIS A 278 5.30 -34.47 9.08
C HIS A 278 4.37 -33.57 9.84
N GLY A 279 3.75 -34.07 10.91
CA GLY A 279 2.98 -33.23 11.81
C GLY A 279 1.69 -32.70 11.23
N LEU A 280 1.04 -33.44 10.34
CA LEU A 280 -0.27 -33.05 9.84
C LEU A 280 -1.39 -33.68 10.62
N ILE A 281 -1.08 -34.74 11.36
CA ILE A 281 -2.01 -35.45 12.23
C ILE A 281 -1.22 -35.82 13.48
N ASN A 282 -1.93 -35.99 14.59
CA ASN A 282 -1.31 -36.36 15.87
C ASN A 282 -0.16 -35.41 16.20
N PHE A 283 -0.46 -34.14 16.13
CA PHE A 283 0.43 -33.08 16.58
C PHE A 283 -0.35 -32.22 17.57
N GLY A 284 0.38 -31.59 18.48
CA GLY A 284 -0.28 -30.84 19.52
C GLY A 284 -0.39 -31.64 20.80
N ILE A 285 -1.54 -31.59 21.45
CA ILE A 285 -1.72 -32.16 22.78
C ILE A 285 -2.91 -33.10 22.72
N TYR A 286 -2.64 -34.39 22.57
CA TYR A 286 -3.63 -35.43 22.38
C TYR A 286 -3.33 -36.58 23.33
N LYS A 287 -4.36 -37.39 23.58
CA LYS A 287 -4.20 -38.57 24.41
C LYS A 287 -3.56 -39.68 23.58
N ARG A 288 -2.40 -40.14 24.03
CA ARG A 288 -1.67 -41.24 23.40
C ARG A 288 -2.50 -42.52 23.55
N ILE A 289 -2.99 -43.07 22.43
CA ILE A 289 -3.63 -44.39 22.46
C ILE A 289 -2.56 -45.45 22.72
N LYS A 290 -1.64 -45.62 21.76
CA LYS A 290 -0.43 -46.39 22.01
C LYS A 290 0.44 -45.62 22.99
N PRO A 291 0.80 -46.17 24.14
CA PRO A 291 1.66 -45.44 25.07
C PRO A 291 3.09 -45.34 24.53
N LEU A 292 3.85 -44.43 25.14
CA LEU A 292 5.19 -44.10 24.67
C LEU A 292 6.12 -45.32 24.78
N PRO A 293 7.08 -45.47 23.86
CA PRO A 293 8.01 -46.60 23.95
C PRO A 293 8.83 -46.58 25.23
N THR A 294 8.94 -47.76 25.86
CA THR A 294 9.76 -47.93 27.06
C THR A 294 11.17 -47.41 26.85
N LYS A 295 11.85 -47.94 25.82
CA LYS A 295 13.21 -47.53 25.48
C LYS A 295 13.19 -46.68 24.22
N LYS A 296 13.96 -45.60 24.27
CA LYS A 296 14.05 -44.49 23.32
C LYS A 296 15.14 -44.77 22.30
N THR A 297 15.24 -43.91 21.29
CA THR A 297 16.23 -44.02 20.24
C THR A 297 16.73 -42.62 19.91
N GLY A 298 18.04 -42.43 19.81
CA GLY A 298 18.57 -41.11 19.48
C GLY A 298 18.49 -40.09 20.61
N LYS A 299 19.36 -39.08 20.60
CA LYS A 299 19.30 -37.96 21.55
C LYS A 299 19.29 -36.61 20.83
N VAL A 300 18.28 -35.78 21.12
CA VAL A 300 18.17 -34.46 20.52
C VAL A 300 18.21 -33.42 21.61
N ILE A 301 19.07 -32.42 21.44
CA ILE A 301 19.08 -31.19 22.22
C ILE A 301 18.40 -30.10 21.41
N ILE A 302 17.44 -29.43 22.03
CA ILE A 302 16.67 -28.36 21.41
C ILE A 302 17.01 -27.05 22.12
N ILE A 303 17.37 -26.01 21.36
CA ILE A 303 17.73 -24.74 21.98
C ILE A 303 16.55 -23.78 21.90
N GLY A 304 16.00 -23.47 23.05
CA GLY A 304 14.90 -22.56 23.14
C GLY A 304 13.61 -23.33 23.35
N SER A 305 12.84 -22.95 24.37
CA SER A 305 11.48 -23.41 24.44
C SER A 305 10.51 -22.34 23.96
N GLY A 306 10.75 -21.79 22.78
CA GLY A 306 9.72 -21.01 22.16
C GLY A 306 8.78 -22.01 21.55
N VAL A 307 7.71 -21.53 20.95
CA VAL A 307 6.72 -22.47 20.38
C VAL A 307 7.38 -23.32 19.31
N SER A 308 8.32 -22.76 18.56
CA SER A 308 8.92 -23.63 17.54
C SER A 308 9.64 -24.77 18.22
N GLY A 309 10.44 -24.47 19.22
CA GLY A 309 11.14 -25.55 19.90
C GLY A 309 10.17 -26.47 20.60
N LEU A 310 9.19 -25.90 21.26
CA LEU A 310 8.27 -26.77 22.04
C LEU A 310 7.53 -27.69 21.09
N ALA A 311 7.08 -27.19 19.97
CA ALA A 311 6.34 -28.07 19.05
C ALA A 311 7.25 -29.18 18.57
N ALA A 312 8.48 -28.87 18.22
CA ALA A 312 9.38 -29.92 17.72
C ALA A 312 9.53 -30.96 18.81
N ALA A 313 10.04 -30.52 19.95
CA ALA A 313 10.22 -31.36 21.13
C ALA A 313 9.02 -32.27 21.34
N ARG A 314 7.80 -31.72 21.23
CA ARG A 314 6.62 -32.50 21.55
C ARG A 314 6.53 -33.68 20.59
N GLN A 315 6.89 -33.42 19.34
CA GLN A 315 6.78 -34.36 18.24
C GLN A 315 7.86 -35.40 18.30
N LEU A 316 9.07 -34.97 18.66
CA LEU A 316 10.20 -35.88 18.75
C LEU A 316 9.97 -36.88 19.87
N GLN A 317 9.63 -36.40 21.06
CA GLN A 317 9.17 -37.30 22.10
C GLN A 317 8.00 -38.14 21.63
N SER A 318 7.10 -37.56 20.84
CA SER A 318 6.04 -38.37 20.24
C SER A 318 6.61 -39.50 19.41
N PHE A 319 7.76 -39.29 18.79
CA PHE A 319 8.33 -40.25 17.84
C PHE A 319 9.27 -41.25 18.51
N GLY A 320 9.46 -41.14 19.80
CA GLY A 320 10.29 -42.08 20.53
C GLY A 320 11.73 -41.65 20.69
N MET A 321 12.03 -40.37 20.56
CA MET A 321 13.38 -39.93 20.80
C MET A 321 13.48 -39.36 22.19
N ASP A 322 14.72 -39.20 22.63
CA ASP A 322 15.03 -38.59 23.91
C ASP A 322 15.36 -37.13 23.65
N VAL A 323 14.55 -36.22 24.19
CA VAL A 323 14.70 -34.80 23.92
C VAL A 323 14.85 -34.04 25.22
N THR A 324 15.71 -33.04 25.19
CA THR A 324 15.86 -32.08 26.26
C THR A 324 15.81 -30.70 25.61
N LEU A 325 15.11 -29.76 26.25
CA LEU A 325 15.15 -28.38 25.81
C LEU A 325 16.02 -27.59 26.76
N LEU A 326 16.79 -26.67 26.22
CA LEU A 326 17.64 -25.75 26.98
C LEU A 326 17.02 -24.37 26.80
N GLU A 327 16.65 -23.75 27.90
CA GLU A 327 15.93 -22.49 27.87
C GLU A 327 16.70 -21.42 28.63
N ALA A 328 17.03 -20.31 28.01
CA ALA A 328 17.76 -19.27 28.75
C ALA A 328 16.89 -18.65 29.83
N ARG A 329 15.61 -18.44 29.53
CA ARG A 329 14.73 -17.74 30.47
C ARG A 329 14.20 -18.70 31.53
N ASP A 330 13.58 -18.12 32.54
CA ASP A 330 12.87 -18.83 33.60
C ASP A 330 11.45 -19.22 33.20
N ARG A 331 11.10 -19.18 31.92
CA ARG A 331 9.76 -19.57 31.51
C ARG A 331 9.80 -20.12 30.09
N VAL A 332 8.81 -20.94 29.77
CA VAL A 332 8.61 -21.33 28.38
C VAL A 332 7.93 -20.21 27.58
N GLY A 333 7.73 -20.46 26.27
CA GLY A 333 6.97 -19.59 25.40
C GLY A 333 7.78 -18.63 24.57
N GLY A 334 8.92 -18.21 25.05
CA GLY A 334 9.69 -17.29 24.24
C GLY A 334 8.93 -16.02 24.00
N ARG A 335 8.74 -15.67 22.72
CA ARG A 335 8.10 -14.41 22.38
C ARG A 335 6.58 -14.45 22.54
N VAL A 336 5.98 -15.61 22.82
CA VAL A 336 4.70 -15.67 23.49
C VAL A 336 4.96 -15.44 24.99
N ALA A 337 4.62 -14.24 25.45
CA ALA A 337 4.83 -13.76 26.81
C ALA A 337 3.53 -13.17 27.33
N THR A 338 3.09 -13.60 28.50
CA THR A 338 1.87 -13.09 29.09
C THR A 338 2.15 -12.55 30.48
N PHE A 339 1.63 -11.36 30.74
CA PHE A 339 1.70 -10.74 32.06
C PHE A 339 0.52 -11.23 32.89
N ARG A 340 0.79 -11.55 34.16
CA ARG A 340 -0.25 -12.00 35.08
C ARG A 340 0.07 -11.48 36.47
N LYS A 341 -0.79 -10.59 36.94
CA LYS A 341 -0.75 -10.08 38.32
C LYS A 341 -2.22 -10.04 38.72
N GLY A 342 -2.60 -10.76 39.75
CA GLY A 342 -4.01 -10.80 40.16
C GLY A 342 -4.86 -11.27 39.00
N ASN A 343 -5.93 -10.55 38.70
CA ASN A 343 -6.78 -10.97 37.57
C ASN A 343 -6.37 -10.21 36.32
N TYR A 344 -5.34 -9.39 36.41
CA TYR A 344 -4.91 -8.65 35.20
C TYR A 344 -4.06 -9.58 34.36
N VAL A 345 -4.43 -9.82 33.10
CA VAL A 345 -3.63 -10.65 32.19
C VAL A 345 -3.50 -9.91 30.86
N ALA A 346 -2.30 -9.94 30.27
CA ALA A 346 -2.06 -9.13 29.07
C ALA A 346 -0.81 -9.59 28.33
N ASP A 347 -0.98 -10.05 27.09
CA ASP A 347 0.17 -10.50 26.30
C ASP A 347 1.13 -9.36 25.98
N LEU A 348 2.40 -9.54 26.35
CA LEU A 348 3.48 -8.67 25.91
C LEU A 348 4.00 -9.07 24.53
N GLY A 349 3.68 -10.27 24.10
CA GLY A 349 4.18 -10.79 22.84
C GLY A 349 3.09 -11.00 21.83
N ALA A 350 3.05 -12.13 21.15
CA ALA A 350 1.99 -12.30 20.16
C ALA A 350 0.65 -12.35 20.88
N MET A 351 -0.35 -11.68 20.35
CA MET A 351 -1.67 -11.73 21.01
C MET A 351 -2.76 -12.02 20.01
N VAL A 352 -2.44 -12.10 18.73
CA VAL A 352 -3.56 -12.26 17.75
C VAL A 352 -3.42 -13.56 16.98
N VAL A 353 -4.54 -14.24 16.75
CA VAL A 353 -4.50 -15.46 15.91
C VAL A 353 -5.07 -14.98 14.60
N THR A 354 -4.34 -15.11 13.51
CA THR A 354 -4.87 -14.48 12.29
C THR A 354 -5.84 -15.36 11.53
N GLY A 355 -6.98 -15.72 12.09
CA GLY A 355 -7.94 -16.46 11.26
C GLY A 355 -7.79 -17.94 11.34
N LEU A 356 -8.85 -18.64 11.70
CA LEU A 356 -8.81 -20.10 11.85
C LEU A 356 -8.88 -20.85 10.52
N GLY A 357 -8.90 -20.18 9.39
CA GLY A 357 -9.12 -20.89 8.15
C GLY A 357 -7.86 -21.48 7.57
N GLY A 358 -7.56 -22.71 7.93
CA GLY A 358 -6.30 -23.31 7.55
C GLY A 358 -5.18 -23.06 8.54
N ASN A 359 -5.50 -22.58 9.71
CA ASN A 359 -4.56 -22.29 10.76
C ASN A 359 -4.35 -23.53 11.62
N PRO A 360 -3.10 -23.93 11.86
CA PRO A 360 -2.86 -25.01 12.82
C PRO A 360 -3.29 -24.65 14.23
N MET A 361 -3.31 -23.36 14.60
CA MET A 361 -3.77 -23.01 15.92
C MET A 361 -5.23 -23.36 16.12
N ALA A 362 -5.99 -23.50 15.02
CA ALA A 362 -7.34 -24.02 15.10
C ALA A 362 -7.36 -25.36 15.81
N VAL A 363 -6.58 -26.32 15.30
CA VAL A 363 -6.39 -27.61 15.97
C VAL A 363 -6.01 -27.40 17.43
N VAL A 364 -5.11 -26.46 17.69
CA VAL A 364 -4.62 -26.30 19.04
C VAL A 364 -5.73 -25.83 19.96
N SER A 365 -6.56 -24.88 19.49
CA SER A 365 -7.63 -24.31 20.30
C SER A 365 -8.61 -25.39 20.76
N LYS A 366 -8.94 -26.35 19.89
CA LYS A 366 -9.79 -27.45 20.36
C LYS A 366 -9.09 -28.24 21.47
N GLN A 367 -7.78 -28.36 21.30
CA GLN A 367 -6.92 -29.19 22.16
C GLN A 367 -6.62 -28.49 23.47
N VAL A 368 -6.68 -27.19 23.48
CA VAL A 368 -6.31 -26.50 24.74
C VAL A 368 -7.40 -25.46 25.01
N ASN A 369 -7.69 -25.16 26.26
CA ASN A 369 -8.80 -24.20 26.47
C ASN A 369 -8.26 -22.81 26.19
N MET A 370 -8.51 -22.33 24.99
CA MET A 370 -8.10 -20.99 24.58
C MET A 370 -9.39 -20.24 24.34
N GLU A 371 -9.58 -19.15 25.07
CA GLU A 371 -10.79 -18.34 24.96
C GLU A 371 -10.53 -17.34 23.83
N LEU A 372 -11.07 -17.61 22.64
CA LEU A 372 -10.76 -16.79 21.48
C LEU A 372 -11.87 -15.78 21.24
N ALA A 373 -11.47 -14.50 21.17
CA ALA A 373 -12.39 -13.37 21.09
C ALA A 373 -12.15 -12.64 19.78
N LYS A 374 -13.22 -12.51 19.00
CA LYS A 374 -13.18 -11.89 17.67
C LYS A 374 -12.74 -10.45 17.82
N ILE A 375 -12.04 -9.93 16.83
CA ILE A 375 -11.64 -8.54 16.84
C ILE A 375 -12.65 -7.75 16.04
N LYS A 376 -13.28 -6.78 16.69
CA LYS A 376 -14.24 -5.90 16.03
C LYS A 376 -13.48 -4.86 15.22
N GLN A 377 -13.76 -4.80 13.91
CA GLN A 377 -12.94 -4.05 12.97
C GLN A 377 -13.18 -2.54 12.99
N LYS A 378 -14.05 -2.06 13.88
CA LYS A 378 -14.34 -0.63 14.05
C LYS A 378 -13.21 0.04 14.83
N CYS A 379 -12.42 0.88 14.18
CA CYS A 379 -11.32 1.56 14.86
C CYS A 379 -11.34 3.07 14.57
N PRO A 380 -11.63 3.88 15.56
CA PRO A 380 -11.67 5.33 15.35
C PRO A 380 -10.39 6.06 15.68
N LEU A 381 -9.90 6.89 14.76
CA LEU A 381 -8.71 7.70 15.00
C LEU A 381 -9.04 8.96 15.79
N TYR A 382 -8.04 9.49 16.48
CA TYR A 382 -8.24 10.56 17.45
C TYR A 382 -6.97 11.40 17.41
N GLU A 383 -7.06 12.55 16.76
CA GLU A 383 -5.89 13.34 16.39
C GLU A 383 -5.21 13.81 17.67
N ALA A 384 -4.08 14.52 17.54
CA ALA A 384 -3.34 14.87 18.75
C ALA A 384 -4.13 15.81 19.66
N ASN A 385 -5.07 16.58 19.11
CA ASN A 385 -5.91 17.46 19.93
C ASN A 385 -6.78 16.66 20.89
N GLY A 386 -7.17 15.45 20.50
CA GLY A 386 -8.07 14.62 21.27
C GLY A 386 -9.45 14.48 20.67
N GLN A 387 -9.71 15.07 19.52
CA GLN A 387 -11.02 15.01 18.89
C GLN A 387 -10.98 13.99 17.76
N ALA A 388 -12.02 13.17 17.67
CA ALA A 388 -12.07 12.12 16.68
C ALA A 388 -11.98 12.67 15.25
N VAL A 389 -11.27 11.95 14.40
CA VAL A 389 -11.32 12.24 12.97
C VAL A 389 -12.74 12.11 12.45
N PRO A 390 -13.27 13.13 11.78
CA PRO A 390 -14.57 13.01 11.11
C PRO A 390 -14.60 11.82 10.17
N LYS A 391 -15.69 11.04 10.24
CA LYS A 391 -15.85 9.83 9.44
C LYS A 391 -15.58 10.07 7.96
N GLU A 392 -15.84 11.28 7.46
CA GLU A 392 -15.64 11.52 6.04
C GLU A 392 -14.15 11.56 5.71
N LYS A 393 -13.33 12.18 6.57
CA LYS A 393 -11.89 12.28 6.32
C LYS A 393 -11.21 10.93 6.54
N ASP A 394 -11.58 10.23 7.63
CA ASP A 394 -11.19 8.85 7.85
C ASP A 394 -11.27 8.03 6.57
N GLU A 395 -12.43 8.02 5.90
CA GLU A 395 -12.58 7.15 4.74
C GLU A 395 -11.76 7.65 3.55
N MET A 396 -11.57 8.96 3.41
CA MET A 396 -10.89 9.44 2.21
C MET A 396 -9.41 9.10 2.29
N VAL A 397 -8.79 9.35 3.44
CA VAL A 397 -7.37 9.08 3.57
C VAL A 397 -7.10 7.58 3.53
N GLU A 398 -7.95 6.77 4.19
CA GLU A 398 -7.80 5.33 4.11
C GLU A 398 -7.74 4.88 2.65
N GLN A 399 -8.60 5.39 1.79
CA GLN A 399 -8.50 4.97 0.40
C GLN A 399 -7.29 5.54 -0.33
N GLU A 400 -6.72 6.64 0.14
CA GLU A 400 -5.48 7.07 -0.52
C GLU A 400 -4.34 6.13 -0.14
N PHE A 401 -4.26 5.78 1.14
CA PHE A 401 -3.33 4.77 1.62
C PHE A 401 -3.34 3.52 0.74
N ASN A 402 -4.51 2.88 0.61
CA ASN A 402 -4.61 1.68 -0.22
C ASN A 402 -4.31 1.99 -1.67
N ARG A 403 -4.69 3.18 -2.13
CA ARG A 403 -4.36 3.57 -3.50
C ARG A 403 -2.85 3.71 -3.64
N LEU A 404 -2.23 4.26 -2.60
CA LEU A 404 -0.79 4.46 -2.59
C LEU A 404 -0.05 3.13 -2.58
N LEU A 405 -0.58 2.16 -1.82
CA LEU A 405 0.01 0.83 -1.80
C LEU A 405 -0.02 0.17 -3.19
N GLU A 406 -1.18 0.19 -3.84
CA GLU A 406 -1.23 -0.38 -5.19
C GLU A 406 -0.23 0.32 -6.10
N ALA A 407 -0.03 1.62 -5.88
CA ALA A 407 0.85 2.39 -6.74
C ALA A 407 2.28 1.86 -6.67
N THR A 408 2.78 1.62 -5.46
CA THR A 408 4.09 0.99 -5.31
C THR A 408 4.15 -0.36 -6.01
N SER A 409 3.14 -1.20 -5.77
CA SER A 409 3.03 -2.46 -6.48
C SER A 409 3.21 -2.25 -7.99
N TYR A 410 2.63 -1.16 -8.51
CA TYR A 410 2.76 -0.84 -9.93
C TYR A 410 4.19 -0.43 -10.29
N LEU A 411 4.84 0.41 -9.47
CA LEU A 411 6.26 0.69 -9.68
C LEU A 411 7.11 -0.56 -9.63
N SER A 412 6.79 -1.46 -8.70
CA SER A 412 7.55 -2.69 -8.58
C SER A 412 7.35 -3.58 -9.81
N HIS A 413 6.12 -3.97 -10.09
CA HIS A 413 5.90 -5.07 -11.03
C HIS A 413 5.76 -4.60 -12.48
N GLN A 414 5.19 -3.43 -12.74
CA GLN A 414 5.08 -2.96 -14.11
C GLN A 414 6.29 -2.15 -14.58
N LEU A 415 7.06 -1.55 -13.65
CA LEU A 415 8.12 -0.62 -14.01
C LEU A 415 9.52 -1.07 -13.57
N ASP A 416 9.65 -2.26 -12.97
CA ASP A 416 10.89 -2.84 -12.44
C ASP A 416 11.72 -1.80 -11.68
N PHE A 417 11.03 -0.94 -10.93
CA PHE A 417 11.66 0.04 -10.03
C PHE A 417 12.05 -0.66 -8.73
N ASN A 418 13.05 -1.54 -8.83
CA ASN A 418 13.46 -2.35 -7.70
C ASN A 418 14.89 -2.13 -7.26
N VAL A 419 15.67 -1.49 -8.10
CA VAL A 419 17.05 -1.21 -7.66
C VAL A 419 17.32 0.25 -7.97
N LEU A 420 17.82 1.01 -7.01
CA LEU A 420 18.08 2.42 -7.31
C LEU A 420 19.54 2.72 -6.99
N ASN A 421 20.29 3.15 -8.00
CA ASN A 421 21.71 3.54 -7.82
C ASN A 421 22.48 2.47 -7.05
N ASN A 422 22.37 1.23 -7.52
CA ASN A 422 23.09 0.03 -7.00
C ASN A 422 22.55 -0.44 -5.65
N LYS A 423 21.40 0.05 -5.20
CA LYS A 423 20.90 -0.41 -3.89
C LYS A 423 19.47 -0.86 -4.10
N PRO A 424 18.97 -1.87 -3.38
CA PRO A 424 17.63 -2.36 -3.58
C PRO A 424 16.68 -1.30 -3.05
N VAL A 425 15.54 -1.15 -3.69
CA VAL A 425 14.55 -0.13 -3.28
C VAL A 425 13.70 -0.66 -2.15
N SER A 426 13.43 0.17 -1.15
CA SER A 426 12.57 -0.21 -0.06
C SER A 426 11.14 0.24 -0.31
N LEU A 427 10.21 -0.26 0.50
CA LEU A 427 8.82 0.14 0.34
C LEU A 427 8.67 1.62 0.63
N GLY A 428 9.28 2.08 1.74
CA GLY A 428 9.19 3.48 2.11
C GLY A 428 9.69 4.42 1.02
N GLN A 429 10.86 4.13 0.45
CA GLN A 429 11.32 4.89 -0.70
C GLN A 429 10.25 4.99 -1.77
N ALA A 430 9.65 3.85 -2.15
CA ALA A 430 8.65 3.86 -3.20
C ALA A 430 7.42 4.67 -2.82
N LEU A 431 7.01 4.64 -1.55
CA LEU A 431 5.91 5.51 -1.13
C LEU A 431 6.24 6.99 -1.33
N GLU A 432 7.44 7.41 -0.93
CA GLU A 432 7.82 8.80 -1.19
C GLU A 432 7.69 9.11 -2.68
N VAL A 433 8.37 8.34 -3.52
CA VAL A 433 8.31 8.62 -4.95
C VAL A 433 6.89 8.57 -5.49
N VAL A 434 5.99 7.84 -4.84
CA VAL A 434 4.62 7.90 -5.32
C VAL A 434 3.93 9.14 -4.78
N ILE A 435 4.13 9.47 -3.51
CA ILE A 435 3.55 10.71 -2.99
C ILE A 435 4.09 11.91 -3.75
N GLN A 436 5.40 11.95 -3.98
CA GLN A 436 5.98 13.05 -4.71
C GLN A 436 5.36 13.19 -6.10
N LEU A 437 5.23 12.08 -6.82
CA LEU A 437 4.66 12.16 -8.17
C LEU A 437 3.19 12.59 -8.16
N GLN A 438 2.45 12.29 -7.08
CA GLN A 438 1.10 12.81 -6.98
C GLN A 438 1.12 14.27 -6.58
N GLU A 439 2.09 14.69 -5.77
CA GLU A 439 2.27 16.13 -5.55
C GLU A 439 2.70 16.83 -6.84
N LYS A 440 3.56 16.20 -7.62
CA LYS A 440 3.98 16.83 -8.88
C LYS A 440 2.77 16.94 -9.78
N HIS A 441 1.95 15.90 -9.84
CA HIS A 441 0.79 15.97 -10.77
C HIS A 441 -0.15 17.08 -10.35
N VAL A 442 -0.36 17.29 -9.06
CA VAL A 442 -1.28 18.38 -8.66
C VAL A 442 -0.72 19.71 -9.17
N LYS A 443 0.58 19.93 -9.06
CA LYS A 443 1.13 21.19 -9.57
C LYS A 443 0.88 21.24 -11.07
N ASP A 444 1.11 20.14 -11.79
CA ASP A 444 0.92 20.15 -13.26
C ASP A 444 -0.53 20.46 -13.60
N GLU A 445 -1.48 19.93 -12.85
CA GLU A 445 -2.88 20.28 -13.18
C GLU A 445 -3.05 21.77 -12.97
N GLN A 446 -2.54 22.30 -11.86
CA GLN A 446 -2.75 23.74 -11.58
C GLN A 446 -2.14 24.57 -12.69
N ILE A 447 -0.90 24.27 -13.04
CA ILE A 447 -0.21 25.04 -14.09
C ILE A 447 -1.04 24.97 -15.35
N GLU A 448 -1.44 23.79 -15.77
CA GLU A 448 -2.18 23.65 -17.04
C GLU A 448 -3.48 24.43 -16.96
N HIS A 449 -4.19 24.40 -15.84
CA HIS A 449 -5.45 25.15 -15.75
C HIS A 449 -5.18 26.64 -15.80
N TRP A 450 -4.20 27.13 -15.04
CA TRP A 450 -3.93 28.58 -15.10
C TRP A 450 -3.45 28.94 -16.51
N LYS A 451 -2.64 28.10 -17.15
CA LYS A 451 -2.15 28.39 -18.51
C LYS A 451 -3.34 28.54 -19.46
N LYS A 452 -4.36 27.73 -19.34
CA LYS A 452 -5.56 27.90 -20.19
C LYS A 452 -6.18 29.27 -19.92
N ILE A 453 -6.24 29.69 -18.68
CA ILE A 453 -6.85 31.03 -18.42
C ILE A 453 -6.04 32.09 -19.14
N VAL A 454 -4.73 32.05 -19.04
CA VAL A 454 -4.00 33.18 -19.66
C VAL A 454 -4.16 33.09 -21.17
N LYS A 455 -4.27 31.89 -21.73
CA LYS A 455 -4.43 31.83 -23.19
C LYS A 455 -5.76 32.49 -23.55
N THR A 456 -6.80 32.19 -22.77
CA THR A 456 -8.11 32.81 -23.01
C THR A 456 -8.01 34.31 -22.77
N GLN A 457 -7.27 34.75 -21.76
CA GLN A 457 -7.16 36.21 -21.52
C GLN A 457 -6.53 36.85 -22.75
N GLU A 458 -5.47 36.25 -23.26
CA GLU A 458 -4.77 36.79 -24.44
C GLU A 458 -5.77 36.95 -25.59
N GLU A 459 -6.57 35.93 -25.86
CA GLU A 459 -7.58 36.01 -26.94
C GLU A 459 -8.39 37.27 -26.68
N LEU A 460 -8.81 37.44 -25.44
CA LEU A 460 -9.62 38.62 -25.09
C LEU A 460 -8.83 39.89 -25.40
N LYS A 461 -7.61 39.96 -24.89
CA LYS A 461 -6.78 41.17 -25.04
C LYS A 461 -6.70 41.51 -26.52
N GLU A 462 -6.44 40.52 -27.35
CA GLU A 462 -6.39 40.79 -28.80
C GLU A 462 -7.78 41.24 -29.26
N LEU A 463 -8.84 40.62 -28.76
CA LEU A 463 -10.17 41.06 -29.21
C LEU A 463 -10.37 42.51 -28.83
N LEU A 464 -10.04 42.89 -27.60
CA LEU A 464 -10.29 44.28 -27.15
C LEU A 464 -9.55 45.26 -28.04
N ASN A 465 -8.32 44.96 -28.41
CA ASN A 465 -7.60 45.88 -29.30
C ASN A 465 -8.36 46.01 -30.61
N LYS A 466 -8.85 44.91 -31.17
CA LYS A 466 -9.60 45.05 -32.43
C LYS A 466 -10.82 45.91 -32.15
N MET A 467 -11.47 45.70 -31.02
CA MET A 467 -12.66 46.52 -30.77
C MET A 467 -12.27 47.97 -30.58
N VAL A 468 -11.21 48.24 -29.85
CA VAL A 468 -10.88 49.67 -29.61
C VAL A 468 -10.54 50.33 -30.94
N ASN A 469 -9.79 49.68 -31.81
CA ASN A 469 -9.47 50.35 -33.09
C ASN A 469 -10.76 50.57 -33.87
N LEU A 470 -11.57 49.53 -33.97
CA LEU A 470 -12.84 49.67 -34.72
C LEU A 470 -13.65 50.81 -34.11
N LYS A 471 -13.72 50.87 -32.79
CA LYS A 471 -14.54 51.95 -32.20
C LYS A 471 -13.95 53.29 -32.57
N GLU A 472 -12.63 53.41 -32.59
CA GLU A 472 -12.01 54.68 -32.99
C GLU A 472 -12.21 54.84 -34.49
N LYS A 473 -12.24 53.76 -35.24
CA LYS A 473 -12.42 53.89 -36.70
C LYS A 473 -13.86 54.29 -36.96
N ILE A 474 -14.78 53.80 -36.15
CA ILE A 474 -16.20 54.21 -36.32
C ILE A 474 -16.21 55.71 -36.08
N LYS A 475 -15.60 56.13 -34.99
CA LYS A 475 -15.51 57.54 -34.55
C LYS A 475 -15.28 58.49 -35.71
N GLU A 476 -14.15 58.36 -36.37
CA GLU A 476 -13.93 59.30 -37.46
C GLU A 476 -14.94 59.04 -38.56
N LEU A 477 -15.53 57.84 -38.65
CA LEU A 477 -16.42 57.76 -39.83
C LEU A 477 -17.68 58.53 -39.54
N HIS A 478 -18.22 58.39 -38.34
CA HIS A 478 -19.39 59.15 -37.95
C HIS A 478 -19.20 60.63 -38.25
N GLN A 479 -18.12 61.21 -37.71
CA GLN A 479 -17.78 62.59 -38.01
C GLN A 479 -17.84 62.85 -39.51
N GLN A 480 -17.20 62.01 -40.32
CA GLN A 480 -17.20 62.24 -41.76
C GLN A 480 -18.62 62.23 -42.31
N TYR A 481 -19.47 61.36 -41.79
CA TYR A 481 -20.83 61.28 -42.35
C TYR A 481 -21.57 62.55 -41.97
N LYS A 482 -21.36 63.00 -40.75
CA LYS A 482 -22.08 64.23 -40.32
C LYS A 482 -21.65 65.37 -41.23
N GLU A 483 -20.36 65.51 -41.48
CA GLU A 483 -19.92 66.62 -42.36
C GLU A 483 -20.52 66.43 -43.74
N ALA A 484 -20.51 65.22 -44.26
CA ALA A 484 -21.11 64.99 -45.58
C ALA A 484 -22.60 65.23 -45.51
N SER A 485 -23.24 64.82 -44.43
CA SER A 485 -24.70 65.02 -44.27
C SER A 485 -25.05 66.50 -44.24
N GLU A 486 -24.19 67.31 -43.63
CA GLU A 486 -24.41 68.78 -43.53
C GLU A 486 -24.70 69.40 -44.90
N VAL A 487 -23.98 69.04 -45.95
CA VAL A 487 -24.21 69.62 -47.27
C VAL A 487 -25.67 69.36 -47.60
N LYS A 488 -26.52 70.39 -47.49
CA LYS A 488 -27.95 70.16 -47.64
C LYS A 488 -28.28 69.99 -49.12
N PRO A 489 -29.31 69.20 -49.43
CA PRO A 489 -29.74 69.07 -50.79
C PRO A 489 -30.32 70.38 -51.30
N PRO A 490 -30.41 70.56 -52.62
CA PRO A 490 -30.16 69.53 -53.64
C PRO A 490 -28.65 69.32 -53.84
N ARG A 491 -28.24 68.07 -54.04
CA ARG A 491 -26.79 67.87 -54.17
C ARG A 491 -26.49 67.13 -55.44
N ASP A 492 -25.26 67.29 -55.93
CA ASP A 492 -24.82 66.55 -57.12
C ASP A 492 -24.55 65.11 -56.70
N ILE A 493 -24.52 64.18 -57.62
CA ILE A 493 -24.40 62.75 -57.23
C ILE A 493 -23.15 62.45 -56.43
N THR A 494 -22.03 63.08 -56.70
CA THR A 494 -20.84 62.74 -55.90
C THR A 494 -21.12 63.05 -54.43
N ALA A 495 -21.70 64.21 -54.13
CA ALA A 495 -22.02 64.49 -52.73
C ALA A 495 -23.05 63.48 -52.22
N GLU A 496 -24.04 63.12 -53.03
CA GLU A 496 -25.03 62.16 -52.54
C GLU A 496 -24.36 60.81 -52.32
N PHE A 497 -23.45 60.44 -53.20
CA PHE A 497 -22.74 59.17 -53.06
C PHE A 497 -21.96 59.16 -51.76
N LEU A 498 -21.29 60.27 -51.44
CA LEU A 498 -20.50 60.36 -50.20
C LEU A 498 -21.39 60.01 -49.01
N VAL A 499 -22.52 60.67 -48.85
CA VAL A 499 -23.45 60.27 -47.79
C VAL A 499 -23.73 58.78 -47.85
N LYS A 500 -24.28 58.31 -48.98
CA LYS A 500 -24.66 56.90 -49.10
C LYS A 500 -23.50 55.98 -48.77
N SER A 501 -22.29 56.32 -49.23
CA SER A 501 -21.05 55.59 -48.94
C SER A 501 -20.68 55.59 -47.47
N LYS A 502 -20.34 56.75 -46.91
CA LYS A 502 -20.04 56.86 -45.49
C LYS A 502 -21.11 56.21 -44.61
N HIS A 503 -22.28 56.02 -45.20
CA HIS A 503 -23.36 55.42 -44.39
C HIS A 503 -23.27 53.90 -44.47
N ARG A 504 -22.76 53.40 -45.58
CA ARG A 504 -22.61 51.93 -45.67
C ARG A 504 -21.52 51.56 -44.68
N ASP A 505 -20.35 52.14 -44.87
CA ASP A 505 -19.14 51.91 -44.05
C ASP A 505 -19.45 51.95 -42.57
N LEU A 506 -20.14 52.97 -42.10
CA LEU A 506 -20.39 52.96 -40.65
C LEU A 506 -21.30 51.78 -40.34
N THR A 507 -22.32 51.54 -41.15
CA THR A 507 -23.22 50.42 -40.85
C THR A 507 -22.40 49.13 -40.87
N ALA A 508 -21.56 48.97 -41.88
CA ALA A 508 -20.77 47.76 -41.97
C ALA A 508 -19.85 47.60 -40.76
N LEU A 509 -19.01 48.60 -40.49
CA LEU A 509 -18.18 48.53 -39.29
C LEU A 509 -18.99 48.49 -38.00
N CYS A 510 -20.22 48.99 -37.99
CA CYS A 510 -21.04 48.80 -36.80
C CYS A 510 -21.53 47.37 -36.70
N LYS A 511 -21.73 46.70 -37.83
CA LYS A 511 -22.03 45.27 -37.78
C LYS A 511 -20.84 44.50 -37.23
N GLU A 512 -19.63 44.92 -37.60
CA GLU A 512 -18.43 44.19 -37.19
C GLU A 512 -18.17 44.35 -35.70
N TYR A 513 -18.34 45.54 -35.14
CA TYR A 513 -18.21 45.72 -33.69
C TYR A 513 -19.31 45.00 -32.94
N ASP A 514 -20.42 44.69 -33.58
CA ASP A 514 -21.44 43.91 -32.88
C ASP A 514 -21.04 42.43 -32.79
N GLU A 515 -20.44 41.89 -33.85
CA GLU A 515 -19.93 40.54 -33.83
C GLU A 515 -18.80 40.35 -32.81
N LEU A 516 -18.07 41.41 -32.51
CA LEU A 516 -16.93 41.29 -31.61
C LEU A 516 -17.30 41.54 -30.15
N ALA A 517 -18.39 42.24 -29.88
CA ALA A 517 -18.91 42.24 -28.51
C ALA A 517 -19.78 41.01 -28.24
N GLU A 518 -20.25 40.36 -29.31
CA GLU A 518 -20.78 39.01 -29.22
C GLU A 518 -19.68 38.03 -28.82
N THR A 519 -18.52 38.13 -29.49
CA THR A 519 -17.38 37.28 -29.15
C THR A 519 -16.75 37.65 -27.81
N GLN A 520 -16.80 38.91 -27.37
CA GLN A 520 -16.26 39.11 -26.03
C GLN A 520 -17.24 38.64 -24.97
N GLY A 521 -18.49 38.48 -25.36
CA GLY A 521 -19.44 37.99 -24.35
C GLY A 521 -19.08 36.59 -23.96
N LYS A 522 -18.96 35.71 -24.96
CA LYS A 522 -18.65 34.30 -24.67
C LYS A 522 -17.30 34.19 -23.98
N LEU A 523 -16.31 34.94 -24.42
CA LEU A 523 -15.00 34.85 -23.73
C LEU A 523 -15.15 35.34 -22.30
N GLU A 524 -15.90 36.39 -22.07
CA GLU A 524 -16.02 36.86 -20.68
C GLU A 524 -16.65 35.76 -19.83
N GLU A 525 -17.71 35.11 -20.33
CA GLU A 525 -18.34 34.05 -19.49
C GLU A 525 -17.40 32.84 -19.34
N LYS A 526 -16.71 32.44 -20.40
CA LYS A 526 -15.83 31.26 -20.30
C LYS A 526 -14.75 31.51 -19.25
N LEU A 527 -14.19 32.72 -19.20
CA LEU A 527 -13.19 33.05 -18.16
C LEU A 527 -13.83 32.93 -16.78
N GLN A 528 -15.08 33.34 -16.61
CA GLN A 528 -15.70 33.15 -15.29
C GLN A 528 -15.79 31.66 -14.98
N GLU A 529 -16.13 30.85 -15.98
CA GLU A 529 -16.26 29.38 -15.74
C GLU A 529 -14.95 28.84 -15.19
N LEU A 530 -13.86 29.09 -15.89
CA LEU A 530 -12.54 28.55 -15.49
C LEU A 530 -12.17 29.06 -14.12
N GLU A 531 -12.44 30.31 -13.81
CA GLU A 531 -12.13 30.81 -12.45
C GLU A 531 -12.93 30.03 -11.40
N ALA A 532 -14.17 29.65 -11.70
CA ALA A 532 -15.00 28.91 -10.72
C ALA A 532 -14.75 27.39 -10.80
N ASN A 533 -13.85 26.93 -11.66
CA ASN A 533 -13.61 25.47 -11.73
C ASN A 533 -12.12 25.22 -11.58
N PRO A 534 -11.52 25.49 -10.40
CA PRO A 534 -10.11 25.37 -10.22
C PRO A 534 -9.80 24.05 -9.53
N PRO A 535 -8.76 23.32 -9.97
CA PRO A 535 -8.37 22.05 -9.40
C PRO A 535 -7.75 22.17 -8.01
N SER A 536 -7.63 21.03 -7.33
CA SER A 536 -7.16 21.02 -5.93
C SER A 536 -5.79 21.68 -5.81
N ASP A 537 -5.69 22.54 -4.81
CA ASP A 537 -4.49 23.31 -4.41
C ASP A 537 -3.41 22.39 -3.86
N VAL A 538 -3.81 21.34 -3.14
CA VAL A 538 -2.83 20.45 -2.47
C VAL A 538 -3.17 18.99 -2.76
N TYR A 539 -2.16 18.12 -2.66
CA TYR A 539 -2.42 16.67 -2.78
C TYR A 539 -2.87 16.22 -1.40
N LEU A 540 -2.14 16.61 -0.37
CA LEU A 540 -2.60 16.20 0.97
C LEU A 540 -2.39 17.34 1.94
N SER A 541 -3.39 17.61 2.76
CA SER A 541 -3.29 18.69 3.75
C SER A 541 -2.40 18.23 4.89
N SER A 542 -1.88 19.16 5.67
CA SER A 542 -1.01 18.78 6.81
C SER A 542 -1.82 17.90 7.77
N ARG A 543 -3.07 18.24 8.04
CA ARG A 543 -3.86 17.30 8.85
C ARG A 543 -4.02 16.01 8.07
N ASP A 544 -4.29 16.08 6.76
CA ASP A 544 -4.50 14.82 6.01
C ASP A 544 -3.23 14.00 6.06
N ARG A 545 -2.07 14.61 5.88
CA ARG A 545 -0.80 13.83 5.88
C ARG A 545 -0.60 13.15 7.22
N GLN A 546 -0.94 13.80 8.31
CA GLN A 546 -0.77 13.15 9.63
C GLN A 546 -1.65 11.90 9.68
N ILE A 547 -2.87 11.95 9.18
CA ILE A 547 -3.70 10.71 9.25
C ILE A 547 -3.01 9.63 8.46
N LEU A 548 -2.47 9.97 7.30
CA LEU A 548 -1.77 8.99 6.49
C LEU A 548 -0.68 8.29 7.29
N ASP A 549 0.03 9.04 8.13
CA ASP A 549 1.06 8.43 8.97
C ASP A 549 0.50 7.31 9.80
N TRP A 550 -0.68 7.51 10.36
CA TRP A 550 -1.20 6.49 11.25
C TRP A 550 -1.45 5.20 10.49
N HIS A 551 -1.87 5.30 9.23
CA HIS A 551 -1.92 4.10 8.41
C HIS A 551 -0.51 3.55 8.14
N PHE A 552 0.48 4.43 8.00
CA PHE A 552 1.85 3.94 7.81
C PHE A 552 2.40 3.33 9.08
N ALA A 553 2.06 3.90 10.24
CA ALA A 553 2.52 3.31 11.50
C ALA A 553 1.85 1.96 11.68
N ASN A 554 0.58 1.88 11.27
CA ASN A 554 -0.16 0.64 11.21
C ASN A 554 0.60 -0.44 10.45
N LEU A 555 1.15 -0.08 9.29
CA LEU A 555 1.87 -0.99 8.44
C LEU A 555 3.26 -1.24 9.00
N GLU A 556 3.83 -0.25 9.68
CA GLU A 556 5.08 -0.45 10.41
C GLU A 556 4.88 -1.33 11.62
N PHE A 557 3.71 -1.29 12.22
CA PHE A 557 3.31 -2.30 13.19
C PHE A 557 3.14 -3.68 12.60
N ALA A 558 2.54 -3.82 11.42
CA ALA A 558 2.36 -5.16 10.89
C ALA A 558 3.71 -5.84 10.69
N ASN A 559 4.66 -5.12 10.10
CA ASN A 559 5.94 -5.70 9.75
C ASN A 559 7.00 -5.37 10.76
N ALA A 560 6.59 -4.96 11.95
CA ALA A 560 7.47 -4.57 13.05
C ALA A 560 8.79 -3.91 12.59
N THR A 561 8.70 -2.89 11.74
CA THR A 561 9.89 -2.20 11.22
C THR A 561 9.53 -0.95 10.43
N PRO A 562 10.39 0.08 10.46
CA PRO A 562 10.30 1.19 9.50
C PRO A 562 10.09 0.75 8.05
N LEU A 563 9.18 1.44 7.36
CA LEU A 563 8.99 1.08 5.95
C LEU A 563 10.22 1.35 5.10
N SER A 564 11.26 1.99 5.65
CA SER A 564 12.48 2.19 4.87
C SER A 564 13.33 0.94 4.79
N THR A 565 12.96 -0.09 5.55
CA THR A 565 13.77 -1.32 5.57
C THR A 565 13.10 -2.45 4.78
N LEU A 566 11.78 -2.41 4.64
CA LEU A 566 11.03 -3.47 3.94
C LEU A 566 11.45 -3.54 2.48
N SER A 567 11.55 -4.73 1.93
CA SER A 567 11.93 -4.82 0.51
C SER A 567 10.72 -4.42 -0.27
N LEU A 568 10.84 -3.54 -1.26
CA LEU A 568 9.59 -3.23 -1.99
C LEU A 568 9.12 -4.48 -2.73
N LYS A 569 10.06 -5.16 -3.35
CA LYS A 569 9.75 -6.31 -4.21
C LYS A 569 9.10 -7.45 -3.45
N HIS A 570 9.50 -7.73 -2.21
CA HIS A 570 8.97 -8.97 -1.59
C HIS A 570 8.25 -8.81 -0.26
N TRP A 571 8.04 -7.59 0.23
CA TRP A 571 7.48 -7.48 1.57
C TRP A 571 6.11 -8.15 1.69
N ASP A 572 5.41 -8.35 0.57
CA ASP A 572 4.12 -9.02 0.55
C ASP A 572 4.23 -10.28 -0.31
N GLN A 573 5.27 -11.08 -0.06
CA GLN A 573 5.47 -12.31 -0.85
C GLN A 573 4.59 -13.41 -0.24
N ASP A 574 4.23 -13.24 1.03
CA ASP A 574 3.42 -14.22 1.79
C ASP A 574 1.94 -13.84 1.74
N ASP A 575 1.59 -12.91 0.85
CA ASP A 575 0.21 -12.38 0.69
C ASP A 575 -0.76 -13.50 0.28
N ASP A 576 -0.27 -14.42 -0.55
CA ASP A 576 -1.03 -15.54 -1.14
C ASP A 576 -1.50 -16.55 -0.10
N PHE A 577 -0.71 -16.79 0.96
CA PHE A 577 -1.02 -17.88 1.92
C PHE A 577 -1.95 -17.45 3.05
N GLU A 578 -2.54 -16.27 2.95
CA GLU A 578 -3.49 -15.69 3.94
C GLU A 578 -4.47 -16.73 4.48
N PHE A 579 -4.68 -16.71 5.79
CA PHE A 579 -5.71 -17.53 6.40
C PHE A 579 -7.10 -16.89 6.22
N THR A 580 -8.13 -17.73 6.13
CA THR A 580 -9.49 -17.21 6.10
C THR A 580 -10.05 -17.09 7.52
N GLY A 581 -11.17 -16.39 7.62
CA GLY A 581 -11.77 -16.06 8.90
C GLY A 581 -11.27 -14.74 9.43
N SER A 582 -11.97 -14.28 10.47
CA SER A 582 -11.63 -13.00 11.11
C SER A 582 -10.48 -13.21 12.07
N HIS A 583 -9.74 -12.16 12.40
CA HIS A 583 -8.63 -12.28 13.36
C HIS A 583 -9.21 -12.43 14.75
N LEU A 584 -8.49 -13.10 15.64
CA LEU A 584 -9.00 -13.31 17.01
C LEU A 584 -7.92 -12.95 18.02
N THR A 585 -8.31 -12.78 19.27
CA THR A 585 -7.31 -12.54 20.33
C THR A 585 -7.52 -13.57 21.43
N VAL A 586 -6.59 -13.64 22.38
CA VAL A 586 -6.66 -14.63 23.42
C VAL A 586 -6.97 -13.91 24.72
N ARG A 587 -8.14 -14.20 25.26
CA ARG A 587 -8.58 -13.51 26.48
C ARG A 587 -7.82 -14.04 27.69
N ASN A 588 -7.39 -15.30 27.68
CA ASN A 588 -6.73 -15.84 28.90
C ASN A 588 -5.23 -15.66 28.81
N GLY A 589 -4.75 -15.04 27.75
CA GLY A 589 -3.30 -14.82 27.57
C GLY A 589 -2.76 -15.88 26.66
N TYR A 590 -1.81 -15.55 25.79
CA TYR A 590 -1.31 -16.54 24.83
C TYR A 590 -0.40 -17.57 25.48
N SER A 591 0.09 -17.32 26.69
CA SER A 591 1.02 -18.24 27.36
C SER A 591 0.39 -19.61 27.52
N CYS A 592 -0.88 -19.69 27.86
CA CYS A 592 -1.57 -20.98 28.09
C CYS A 592 -1.24 -21.99 27.01
N VAL A 593 -0.82 -21.54 25.83
CA VAL A 593 -0.49 -22.53 24.79
C VAL A 593 0.90 -23.11 25.06
N PRO A 594 2.01 -22.36 25.00
CA PRO A 594 3.28 -22.99 25.36
C PRO A 594 3.21 -23.73 26.67
N VAL A 595 2.67 -23.11 27.71
CA VAL A 595 2.59 -23.82 28.98
C VAL A 595 1.95 -25.18 28.80
N ALA A 596 0.95 -25.28 27.92
CA ALA A 596 0.32 -26.58 27.69
C ALA A 596 1.23 -27.52 26.91
N LEU A 597 1.85 -27.03 25.83
CA LEU A 597 2.81 -27.83 25.09
C LEU A 597 3.89 -28.39 26.00
N ALA A 598 4.31 -27.61 27.00
CA ALA A 598 5.47 -27.96 27.79
C ALA A 598 5.26 -29.15 28.73
N GLU A 599 4.03 -29.63 29.00
CA GLU A 599 3.97 -30.71 29.96
C GLU A 599 4.56 -31.98 29.36
N GLY A 600 5.09 -32.83 30.24
CA GLY A 600 5.65 -34.09 29.78
C GLY A 600 6.96 -33.97 29.07
N LEU A 601 7.54 -32.78 29.07
CA LEU A 601 8.78 -32.48 28.39
C LEU A 601 9.87 -32.13 29.39
N ASP A 602 11.09 -32.43 28.97
CA ASP A 602 12.29 -32.22 29.78
C ASP A 602 12.84 -30.83 29.48
N ILE A 603 12.41 -29.80 30.21
CA ILE A 603 12.90 -28.45 29.95
C ILE A 603 13.87 -28.06 31.05
N LYS A 604 15.06 -27.64 30.67
CA LYS A 604 16.02 -27.07 31.62
C LYS A 604 15.93 -25.57 31.47
N LEU A 605 15.36 -24.89 32.48
CA LEU A 605 15.21 -23.44 32.46
C LEU A 605 16.45 -22.78 33.03
N ASN A 606 16.56 -21.48 32.83
CA ASN A 606 17.70 -20.71 33.36
C ASN A 606 19.01 -21.30 32.88
N THR A 607 19.00 -21.77 31.64
CA THR A 607 20.10 -22.54 31.07
C THR A 607 20.43 -21.83 29.77
N ALA A 608 21.45 -21.00 29.73
CA ALA A 608 21.76 -20.24 28.53
C ALA A 608 22.83 -20.95 27.73
N VAL A 609 22.49 -21.44 26.55
CA VAL A 609 23.49 -22.01 25.68
C VAL A 609 24.52 -20.96 25.28
N ARG A 610 25.78 -21.38 25.12
CA ARG A 610 26.84 -20.46 24.71
C ARG A 610 27.70 -20.99 23.58
N GLN A 611 27.95 -22.31 23.51
CA GLN A 611 28.55 -22.93 22.36
C GLN A 611 27.74 -24.12 21.89
N VAL A 612 27.78 -24.30 20.58
CA VAL A 612 27.24 -25.47 19.93
C VAL A 612 28.38 -26.11 19.15
N ARG A 613 28.74 -27.33 19.53
CA ARG A 613 29.81 -28.08 18.91
C ARG A 613 29.17 -29.23 18.16
N TYR A 614 29.44 -29.33 16.86
CA TYR A 614 28.83 -30.39 16.08
C TYR A 614 29.93 -31.03 15.24
N THR A 615 30.00 -32.36 15.26
CA THR A 615 31.07 -33.10 14.60
C THR A 615 30.46 -34.29 13.88
N ALA A 616 31.30 -34.97 13.10
CA ALA A 616 30.83 -36.11 12.35
C ALA A 616 30.22 -37.17 13.25
N SER A 617 30.56 -37.19 14.52
CA SER A 617 30.16 -38.29 15.39
C SER A 617 29.10 -37.92 16.40
N GLY A 618 28.73 -36.65 16.48
CA GLY A 618 27.67 -36.19 17.35
C GLY A 618 27.88 -34.72 17.68
N CYS A 619 27.19 -34.27 18.72
CA CYS A 619 27.30 -32.87 19.14
C CYS A 619 27.33 -32.79 20.65
N GLU A 620 28.02 -31.74 21.11
CA GLU A 620 27.94 -31.26 22.48
C GLU A 620 27.52 -29.80 22.49
N VAL A 621 26.53 -29.49 23.32
CA VAL A 621 26.06 -28.13 23.56
C VAL A 621 26.56 -27.70 24.94
N ILE A 622 27.13 -26.50 25.01
CA ILE A 622 27.66 -25.93 26.24
C ILE A 622 26.76 -24.81 26.74
N ALA A 623 26.16 -24.99 27.93
CA ALA A 623 25.30 -23.97 28.54
C ALA A 623 25.77 -23.63 29.96
N VAL A 624 25.35 -22.44 30.44
CA VAL A 624 25.62 -21.98 31.80
C VAL A 624 24.31 -21.73 32.54
N ASN A 625 24.42 -21.46 33.84
CA ASN A 625 23.27 -21.01 34.64
C ASN A 625 23.12 -19.49 34.54
N THR A 626 21.90 -19.03 34.26
CA THR A 626 21.72 -17.60 34.06
C THR A 626 21.80 -16.87 35.39
N ARG A 627 21.48 -17.59 36.45
CA ARG A 627 21.55 -17.02 37.80
C ARG A 627 23.02 -16.81 38.10
N SER A 628 23.79 -17.90 38.22
CA SER A 628 25.25 -17.77 38.40
C SER A 628 25.88 -18.33 37.14
N THR A 629 26.69 -17.55 36.43
CA THR A 629 27.25 -18.05 35.16
C THR A 629 28.49 -18.90 35.37
N SER A 630 28.99 -18.97 36.60
CA SER A 630 30.16 -19.82 36.86
C SER A 630 29.78 -21.26 36.58
N GLN A 631 28.59 -21.69 37.01
CA GLN A 631 28.11 -23.08 36.80
C GLN A 631 28.15 -23.38 35.30
N THR A 632 28.55 -24.58 34.92
CA THR A 632 28.71 -24.85 33.48
C THR A 632 28.24 -26.26 33.12
N PHE A 633 27.45 -26.39 32.07
CA PHE A 633 26.87 -27.68 31.70
C PHE A 633 27.28 -28.13 30.31
N ILE A 634 27.43 -29.43 30.16
CA ILE A 634 27.78 -30.05 28.89
C ILE A 634 26.69 -31.04 28.53
N TYR A 635 26.13 -30.91 27.32
CA TYR A 635 25.05 -31.76 26.86
C TYR A 635 25.49 -32.42 25.56
N LYS A 636 25.40 -33.73 25.50
CA LYS A 636 25.91 -34.50 24.38
C LYS A 636 24.72 -35.06 23.61
N CYS A 637 24.81 -35.10 22.29
CA CYS A 637 23.60 -35.54 21.57
C CYS A 637 23.93 -35.91 20.15
N ASP A 638 22.94 -36.55 19.52
CA ASP A 638 23.01 -36.90 18.11
C ASP A 638 22.75 -35.73 17.18
N ALA A 639 21.86 -34.80 17.59
CA ALA A 639 21.52 -33.62 16.79
C ALA A 639 21.06 -32.49 17.71
N VAL A 640 21.35 -31.26 17.27
CA VAL A 640 20.83 -30.04 17.90
C VAL A 640 19.79 -29.38 16.99
N LEU A 641 18.63 -29.08 17.56
CA LEU A 641 17.65 -28.22 16.93
C LEU A 641 17.77 -26.82 17.53
N CYS A 642 18.28 -25.89 16.74
CA CYS A 642 18.42 -24.50 17.17
C CYS A 642 17.17 -23.69 16.78
N THR A 643 16.43 -23.18 17.77
CA THR A 643 15.35 -22.24 17.49
C THR A 643 15.68 -20.86 18.04
N LEU A 644 16.95 -20.53 18.02
CA LEU A 644 17.39 -19.25 18.53
C LEU A 644 16.76 -18.17 17.67
N PRO A 645 16.25 -17.09 18.27
CA PRO A 645 15.71 -15.99 17.47
C PRO A 645 16.72 -15.45 16.49
N LEU A 646 16.22 -15.01 15.33
CA LEU A 646 17.07 -14.35 14.35
C LEU A 646 17.89 -13.22 14.99
N GLY A 647 17.27 -12.47 15.92
CA GLY A 647 17.99 -11.38 16.55
C GLY A 647 19.15 -11.85 17.40
N VAL A 648 18.96 -12.97 18.09
CA VAL A 648 20.04 -13.63 18.80
C VAL A 648 21.12 -14.10 17.82
N LEU A 649 20.73 -14.80 16.74
CA LEU A 649 21.73 -15.29 15.80
C LEU A 649 22.47 -14.16 15.10
N LYS A 650 21.94 -12.95 15.17
CA LYS A 650 22.49 -11.80 14.48
C LYS A 650 23.52 -11.09 15.34
N GLN A 651 23.45 -11.31 16.65
CA GLN A 651 24.23 -10.62 17.66
C GLN A 651 25.71 -10.59 17.33
N GLN A 652 26.29 -9.41 17.43
CA GLN A 652 27.71 -9.21 17.15
C GLN A 652 28.30 -8.36 18.27
N PRO A 653 29.13 -8.94 19.15
CA PRO A 653 29.73 -10.28 19.05
C PRO A 653 28.80 -11.41 19.51
N PRO A 654 29.04 -12.63 19.01
CA PRO A 654 28.07 -13.72 19.18
C PRO A 654 27.64 -13.92 20.63
N ALA A 655 26.33 -14.06 20.84
CA ALA A 655 25.86 -14.61 22.10
C ALA A 655 26.04 -16.11 22.16
N VAL A 656 26.23 -16.76 21.01
CA VAL A 656 26.35 -18.20 20.90
C VAL A 656 27.38 -18.52 19.85
N GLN A 657 28.46 -19.16 20.26
CA GLN A 657 29.52 -19.59 19.37
C GLN A 657 29.12 -20.91 18.71
N PHE A 658 29.45 -21.03 17.44
CA PHE A 658 29.18 -22.30 16.74
C PHE A 658 30.53 -22.91 16.42
N VAL A 659 30.73 -24.16 16.83
CA VAL A 659 32.02 -24.83 16.53
C VAL A 659 31.73 -26.06 15.69
N PRO A 660 32.15 -26.12 14.43
CA PRO A 660 32.82 -25.03 13.74
C PRO A 660 31.86 -23.94 13.30
N PRO A 661 32.36 -22.81 12.81
CA PRO A 661 31.51 -21.70 12.48
C PRO A 661 30.50 -22.06 11.41
N LEU A 662 29.35 -21.42 11.46
CA LEU A 662 28.33 -21.68 10.43
C LEU A 662 28.88 -21.24 9.09
N PRO A 663 28.55 -21.92 7.99
CA PRO A 663 29.08 -21.58 6.71
C PRO A 663 28.60 -20.22 6.23
N GLU A 664 29.33 -19.65 5.29
CA GLU A 664 29.02 -18.29 4.78
C GLU A 664 27.61 -18.21 4.22
N TRP A 665 27.10 -19.24 3.56
CA TRP A 665 25.72 -19.09 3.06
C TRP A 665 24.75 -18.90 4.22
N LYS A 666 24.91 -19.60 5.33
CA LYS A 666 23.96 -19.36 6.43
C LYS A 666 24.19 -18.01 7.08
N THR A 667 25.43 -17.60 7.26
CA THR A 667 25.61 -16.31 7.96
C THR A 667 25.12 -15.19 7.08
N SER A 668 25.31 -15.29 5.78
CA SER A 668 24.85 -14.24 4.88
C SER A 668 23.34 -14.14 4.84
N ALA A 669 22.64 -15.26 4.91
CA ALA A 669 21.20 -15.15 5.06
C ALA A 669 20.85 -14.50 6.40
N VAL A 670 21.65 -14.76 7.43
CA VAL A 670 21.36 -14.16 8.73
C VAL A 670 21.55 -12.65 8.70
N GLN A 671 22.56 -12.16 7.96
CA GLN A 671 22.72 -10.71 7.84
C GLN A 671 21.59 -10.10 7.00
N ARG A 672 21.42 -10.65 5.82
CA ARG A 672 20.45 -10.12 4.83
C ARG A 672 19.07 -10.05 5.43
N MET A 673 18.68 -11.05 6.20
CA MET A 673 17.30 -11.01 6.73
C MET A 673 17.14 -9.91 7.75
N GLY A 674 15.92 -9.45 7.92
CA GLY A 674 15.70 -8.38 8.88
C GLY A 674 15.00 -8.86 10.10
N PHE A 675 15.31 -8.27 11.22
CA PHE A 675 14.69 -8.61 12.49
C PHE A 675 14.17 -7.30 13.05
N GLY A 676 12.86 -7.19 13.06
CA GLY A 676 12.21 -5.94 13.44
C GLY A 676 12.00 -5.80 14.92
N ASN A 677 11.34 -4.73 15.30
CA ASN A 677 11.08 -4.47 16.71
C ASN A 677 9.69 -3.89 16.85
N LEU A 678 8.99 -4.22 17.91
CA LEU A 678 7.66 -3.65 18.14
C LEU A 678 7.44 -3.80 19.62
N ASN A 679 6.95 -2.80 20.34
CA ASN A 679 6.87 -2.96 21.81
C ASN A 679 5.49 -2.62 22.30
N LYS A 680 5.09 -3.12 23.46
CA LYS A 680 3.74 -2.80 23.95
C LYS A 680 3.82 -2.20 25.35
N VAL A 681 2.83 -1.39 25.70
CA VAL A 681 2.67 -0.81 27.03
C VAL A 681 1.35 -1.29 27.56
N VAL A 682 1.38 -1.96 28.70
CA VAL A 682 0.17 -2.51 29.27
C VAL A 682 -0.26 -1.59 30.38
N LEU A 683 -1.52 -1.15 30.31
CA LEU A 683 -2.08 -0.13 31.19
C LEU A 683 -3.24 -0.73 31.97
N CYS A 684 -3.11 -0.69 33.29
CA CYS A 684 -3.92 -1.48 34.22
C CYS A 684 -4.65 -0.55 35.18
N PHE A 685 -5.95 -0.36 34.95
CA PHE A 685 -6.76 0.58 35.73
C PHE A 685 -7.75 -0.19 36.58
N ASP A 686 -8.52 0.54 37.41
CA ASP A 686 -9.55 -0.08 38.24
C ASP A 686 -10.95 -0.05 37.63
N ARG A 687 -11.21 0.82 36.66
CA ARG A 687 -12.53 0.89 36.06
C ARG A 687 -12.43 1.23 34.58
N VAL A 688 -13.29 0.60 33.79
CA VAL A 688 -13.38 0.91 32.37
C VAL A 688 -13.77 2.36 32.17
N PHE A 689 -13.05 3.06 31.27
CA PHE A 689 -13.40 4.43 30.94
C PHE A 689 -13.31 4.72 29.45
N TRP A 690 -13.40 3.71 28.61
CA TRP A 690 -13.29 3.84 27.17
C TRP A 690 -14.54 3.24 26.57
N ASP A 691 -14.67 3.33 25.26
CA ASP A 691 -15.78 2.64 24.65
C ASP A 691 -15.56 1.14 24.73
N PRO A 692 -16.32 0.40 25.57
CA PRO A 692 -16.03 -1.04 25.75
C PRO A 692 -16.44 -1.90 24.57
N SER A 693 -17.30 -1.40 23.69
CA SER A 693 -17.63 -2.03 22.43
C SER A 693 -16.63 -1.68 21.34
N VAL A 694 -15.64 -0.88 21.67
CA VAL A 694 -14.43 -0.69 20.89
C VAL A 694 -13.35 -1.58 21.47
N ASN A 695 -12.86 -2.52 20.64
CA ASN A 695 -11.66 -3.25 21.03
C ASN A 695 -10.41 -2.39 20.94
N LEU A 696 -10.43 -1.33 20.13
CA LEU A 696 -9.19 -0.78 19.63
C LEU A 696 -9.43 0.57 18.96
N PHE A 697 -8.57 1.55 19.27
CA PHE A 697 -8.73 2.90 18.77
C PHE A 697 -7.39 3.58 18.59
N GLY A 698 -7.29 4.42 17.55
CA GLY A 698 -6.02 5.02 17.20
C GLY A 698 -5.75 6.35 17.89
N HIS A 699 -4.50 6.78 17.82
CA HIS A 699 -4.09 8.13 18.15
C HIS A 699 -3.16 8.59 17.05
N VAL A 700 -3.36 9.81 16.55
CA VAL A 700 -2.66 10.25 15.35
C VAL A 700 -1.52 11.17 15.77
N GLY A 701 -0.35 10.97 15.17
CA GLY A 701 0.86 11.56 15.71
C GLY A 701 1.04 13.02 15.29
N SER A 702 1.61 13.81 16.19
CA SER A 702 1.96 15.19 15.86
C SER A 702 2.84 15.25 14.62
N THR A 703 3.95 14.54 14.67
CA THR A 703 4.91 14.48 13.58
C THR A 703 4.85 13.12 12.89
N THR A 704 5.53 13.09 11.74
CA THR A 704 5.62 11.84 11.00
C THR A 704 6.73 10.98 11.61
N ALA A 705 7.75 11.61 12.17
CA ALA A 705 8.83 10.87 12.82
C ALA A 705 8.34 10.09 14.03
N SER A 706 7.31 10.57 14.72
CA SER A 706 6.76 9.84 15.86
C SER A 706 5.43 9.16 15.50
N ARG A 707 5.26 8.76 14.24
CA ARG A 707 3.98 8.19 13.84
C ARG A 707 3.67 6.89 14.56
N GLY A 708 4.69 6.10 14.90
CA GLY A 708 4.45 4.84 15.57
C GLY A 708 4.35 4.91 17.07
N GLU A 709 4.68 6.08 17.66
CA GLU A 709 4.81 6.27 19.11
C GLU A 709 3.43 6.29 19.76
N LEU A 710 3.02 5.16 20.32
CA LEU A 710 1.75 5.06 21.05
C LEU A 710 0.55 5.31 20.14
N PHE A 711 0.65 4.89 18.89
CA PHE A 711 -0.35 5.17 17.88
C PHE A 711 -1.59 4.27 17.97
N LEU A 712 -1.67 3.33 18.90
CA LEU A 712 -2.83 2.45 18.87
C LEU A 712 -3.01 1.75 20.21
N PHE A 713 -4.27 1.51 20.57
CA PHE A 713 -4.65 1.01 21.89
C PHE A 713 -5.65 -0.11 21.70
N TRP A 714 -5.50 -1.15 22.51
CA TRP A 714 -6.40 -2.33 22.41
C TRP A 714 -7.08 -2.56 23.74
N ASN A 715 -8.34 -2.94 23.70
CA ASN A 715 -9.08 -3.34 24.91
C ASN A 715 -9.62 -4.72 24.57
N LEU A 716 -8.93 -5.79 24.94
CA LEU A 716 -9.43 -7.12 24.51
C LEU A 716 -9.50 -8.03 25.71
N TYR A 717 -9.51 -7.48 26.89
CA TYR A 717 -9.47 -8.35 28.08
C TYR A 717 -10.70 -8.14 28.95
N LYS A 718 -11.05 -9.14 29.74
CA LYS A 718 -12.21 -9.05 30.64
C LYS A 718 -11.95 -7.93 31.64
N ALA A 719 -10.73 -7.86 32.16
CA ALA A 719 -10.34 -6.80 33.13
C ALA A 719 -10.15 -5.46 32.42
N PRO A 720 -10.05 -4.35 33.15
CA PRO A 720 -9.94 -3.06 32.53
C PRO A 720 -8.47 -2.86 32.14
N ILE A 721 -8.10 -3.38 31.00
CA ILE A 721 -6.70 -3.20 30.57
C ILE A 721 -6.67 -2.66 29.16
N LEU A 722 -6.01 -1.52 29.01
CA LEU A 722 -5.69 -0.96 27.70
C LEU A 722 -4.23 -1.25 27.38
N LEU A 723 -3.99 -1.62 26.14
CA LEU A 723 -2.68 -2.04 25.68
C LEU A 723 -2.28 -1.13 24.51
N ALA A 724 -1.15 -0.46 24.65
CA ALA A 724 -0.72 0.55 23.68
C ALA A 724 0.55 0.13 22.92
N LEU A 725 0.46 0.12 21.59
CA LEU A 725 1.57 -0.21 20.68
C LEU A 725 2.56 0.93 20.46
N VAL A 726 3.80 0.55 20.23
CA VAL A 726 4.88 1.50 19.86
C VAL A 726 5.55 0.87 18.66
N ALA A 727 5.39 1.43 17.48
CA ALA A 727 5.93 0.73 16.31
C ALA A 727 6.85 1.61 15.52
N GLY A 728 7.37 1.09 14.43
CA GLY A 728 8.23 1.85 13.53
C GLY A 728 9.49 2.34 14.19
N GLU A 729 9.95 3.52 13.85
CA GLU A 729 11.18 4.06 14.46
C GLU A 729 10.96 4.30 15.94
N ALA A 730 9.78 4.71 16.34
CA ALA A 730 9.49 4.95 17.76
C ALA A 730 9.91 3.77 18.63
N ALA A 731 9.73 2.54 18.16
CA ALA A 731 10.01 1.37 19.01
C ALA A 731 11.43 1.41 19.54
N GLY A 732 12.41 1.56 18.65
CA GLY A 732 13.80 1.57 19.07
C GLY A 732 14.13 2.74 19.98
N ILE A 733 13.55 3.90 19.73
CA ILE A 733 13.79 5.09 20.54
C ILE A 733 13.24 4.88 21.95
N MET A 734 11.97 4.50 22.05
CA MET A 734 11.27 4.41 23.32
C MET A 734 11.93 3.45 24.29
N GLU A 735 12.90 2.66 23.85
CA GLU A 735 13.49 1.73 24.78
C GLU A 735 14.53 2.40 25.67
N ASN A 736 15.00 3.60 25.29
CA ASN A 736 15.92 4.42 26.05
C ASN A 736 15.22 5.40 26.98
N ILE A 737 13.96 5.17 27.27
CA ILE A 737 13.09 6.12 27.95
C ILE A 737 12.36 5.37 29.04
N SER A 738 12.40 5.89 30.27
CA SER A 738 11.82 5.25 31.45
C SER A 738 10.40 4.75 31.27
N ASP A 739 10.05 3.71 32.01
CA ASP A 739 8.66 3.26 32.17
C ASP A 739 7.72 4.43 32.43
N ASP A 740 8.05 5.23 33.44
CA ASP A 740 7.09 6.18 33.98
C ASP A 740 6.79 7.29 32.98
N VAL A 741 7.83 7.88 32.39
CA VAL A 741 7.61 8.83 31.30
C VAL A 741 6.84 8.22 30.13
N ILE A 742 7.02 6.93 29.85
CA ILE A 742 6.23 6.33 28.75
C ILE A 742 4.77 6.18 29.17
N VAL A 743 4.52 5.75 30.41
CA VAL A 743 3.15 5.80 30.91
C VAL A 743 2.65 7.25 30.97
N GLY A 744 3.56 8.19 31.35
CA GLY A 744 3.31 9.61 31.20
C GLY A 744 2.71 9.99 29.87
N ARG A 745 3.41 9.71 28.77
CA ARG A 745 2.90 10.07 27.45
C ARG A 745 1.63 9.29 27.12
N CYS A 746 1.49 8.07 27.65
CA CYS A 746 0.24 7.32 27.48
C CYS A 746 -0.94 8.05 28.09
N LEU A 747 -0.79 8.47 29.34
CA LEU A 747 -1.87 9.13 30.05
C LEU A 747 -2.25 10.42 29.35
N ALA A 748 -1.25 11.22 28.97
CA ALA A 748 -1.48 12.40 28.13
C ALA A 748 -2.42 12.06 26.97
N ILE A 749 -1.97 11.20 26.05
CA ILE A 749 -2.82 10.72 24.96
C ILE A 749 -4.25 10.45 25.43
N LEU A 750 -4.36 9.67 26.51
CA LEU A 750 -5.67 9.18 26.92
C LEU A 750 -6.52 10.31 27.47
N LYS A 751 -5.89 11.26 28.17
CA LYS A 751 -6.62 12.42 28.68
C LYS A 751 -7.21 13.24 27.53
N GLY A 752 -6.41 13.53 26.51
CA GLY A 752 -6.91 14.25 25.35
C GLY A 752 -8.14 13.62 24.71
N ILE A 753 -8.23 12.29 24.73
CA ILE A 753 -9.39 11.64 24.11
C ILE A 753 -10.56 11.47 25.08
N PHE A 754 -10.32 11.44 26.39
CA PHE A 754 -11.43 11.21 27.31
C PHE A 754 -11.57 12.27 28.41
N GLY A 755 -10.62 13.19 28.56
CA GLY A 755 -10.73 14.24 29.56
C GLY A 755 -10.01 13.93 30.86
N SER A 756 -9.22 14.91 31.36
CA SER A 756 -8.30 14.68 32.48
C SER A 756 -9.01 14.14 33.71
N SER A 757 -10.33 14.30 33.77
CA SER A 757 -11.07 13.83 34.93
C SER A 757 -11.47 12.37 34.83
N ALA A 758 -11.47 11.80 33.62
CA ALA A 758 -11.99 10.43 33.41
C ALA A 758 -10.96 9.32 33.63
N VAL A 759 -9.66 9.60 33.53
CA VAL A 759 -8.64 8.57 33.37
C VAL A 759 -7.79 8.49 34.64
N PRO A 760 -7.91 7.41 35.44
CA PRO A 760 -7.16 7.31 36.69
C PRO A 760 -5.68 7.09 36.42
N GLN A 761 -4.87 7.23 37.45
CA GLN A 761 -3.53 6.67 37.37
C GLN A 761 -3.62 5.14 37.35
N PRO A 762 -2.75 4.47 36.60
CA PRO A 762 -2.84 3.00 36.51
C PRO A 762 -2.35 2.31 37.77
N LYS A 763 -3.02 1.21 38.11
CA LYS A 763 -2.59 0.40 39.25
C LYS A 763 -1.28 -0.32 38.95
N GLU A 764 -1.18 -0.92 37.76
CA GLU A 764 -0.01 -1.69 37.33
C GLU A 764 0.43 -1.24 35.94
N THR A 765 1.74 -1.09 35.76
CA THR A 765 2.33 -0.67 34.50
C THR A 765 3.41 -1.65 34.09
N VAL A 766 3.40 -2.04 32.81
CA VAL A 766 4.34 -3.00 32.23
C VAL A 766 4.65 -2.55 30.82
N VAL A 767 5.89 -2.12 30.56
CA VAL A 767 6.31 -1.76 29.21
C VAL A 767 7.43 -2.71 28.76
N SER A 768 7.25 -3.31 27.59
CA SER A 768 8.16 -4.26 26.98
C SER A 768 9.38 -3.58 26.34
N ARG A 769 10.49 -4.33 26.25
CA ARG A 769 11.68 -3.90 25.49
C ARG A 769 12.33 -5.10 24.82
N TRP A 770 11.76 -5.51 23.68
CA TRP A 770 12.19 -6.73 23.00
C TRP A 770 13.54 -6.57 22.36
N ARG A 771 13.87 -5.39 21.82
CA ARG A 771 15.20 -5.27 21.25
C ARG A 771 16.26 -5.36 22.34
N ALA A 772 15.93 -4.90 23.53
CA ALA A 772 16.96 -4.93 24.58
C ALA A 772 16.99 -6.32 25.18
N ASP A 773 15.90 -7.06 25.05
CA ASP A 773 15.89 -8.41 25.65
C ASP A 773 17.01 -9.20 25.00
N PRO A 774 17.85 -9.88 25.77
CA PRO A 774 18.97 -10.59 25.20
C PRO A 774 18.60 -11.97 24.70
N TRP A 775 17.42 -12.45 25.07
CA TRP A 775 16.98 -13.78 24.61
C TRP A 775 16.12 -13.64 23.36
N ALA A 776 15.94 -12.43 22.89
CA ALA A 776 15.16 -12.21 21.67
C ALA A 776 15.92 -11.27 20.77
N ARG A 777 16.33 -10.14 21.30
CA ARG A 777 17.05 -9.07 20.57
C ARG A 777 16.22 -8.58 19.40
N GLY A 778 14.90 -8.54 19.54
CA GLY A 778 13.99 -8.09 18.48
C GLY A 778 12.61 -8.68 18.65
N SER A 779 11.66 -8.35 17.78
CA SER A 779 10.29 -8.93 17.96
C SER A 779 10.04 -10.02 16.94
N TYR A 780 10.15 -9.72 15.67
CA TYR A 780 10.06 -10.76 14.62
C TYR A 780 10.81 -10.30 13.38
N SER A 781 10.83 -11.10 12.35
CA SER A 781 11.62 -10.64 11.19
C SER A 781 10.68 -10.17 10.12
N TYR A 782 11.29 -9.47 9.20
CA TYR A 782 10.60 -8.94 8.04
C TYR A 782 11.47 -9.24 6.84
N VAL A 783 10.91 -8.95 5.70
CA VAL A 783 11.66 -9.19 4.48
C VAL A 783 12.40 -7.88 4.23
N ALA A 784 13.68 -7.85 4.56
CA ALA A 784 14.42 -6.62 4.39
C ALA A 784 14.65 -6.37 2.90
N ALA A 785 14.74 -5.09 2.56
CA ALA A 785 15.28 -4.73 1.27
C ALA A 785 16.62 -5.44 1.10
N GLY A 786 16.80 -6.11 -0.05
CA GLY A 786 17.99 -6.86 -0.33
C GLY A 786 17.91 -8.30 0.10
N SER A 787 16.87 -8.67 0.84
CA SER A 787 16.57 -10.05 1.23
C SER A 787 15.46 -10.57 0.31
N SER A 788 14.96 -11.75 0.60
CA SER A 788 13.90 -12.37 -0.18
C SER A 788 13.35 -13.54 0.63
N GLY A 789 12.35 -14.22 0.08
CA GLY A 789 11.87 -15.41 0.77
C GLY A 789 12.78 -16.59 0.61
N ASN A 790 13.68 -16.51 -0.36
CA ASN A 790 14.74 -17.49 -0.54
C ASN A 790 15.65 -17.54 0.68
N ASP A 791 15.88 -16.40 1.32
CA ASP A 791 16.67 -16.40 2.56
C ASP A 791 16.00 -17.21 3.65
N TYR A 792 14.67 -17.12 3.74
CA TYR A 792 14.01 -17.90 4.77
C TYR A 792 14.25 -19.40 4.59
N ASP A 793 14.60 -19.83 3.38
CA ASP A 793 14.77 -21.25 3.14
C ASP A 793 16.19 -21.68 3.43
N LEU A 794 17.10 -20.80 3.11
CA LEU A 794 18.50 -21.00 3.49
C LEU A 794 18.51 -21.04 5.01
N MET A 795 17.66 -20.28 5.65
CA MET A 795 17.74 -20.29 7.12
C MET A 795 17.33 -21.64 7.64
N ALA A 796 16.62 -22.43 6.87
CA ALA A 796 16.11 -23.67 7.40
C ALA A 796 16.92 -24.90 6.98
N GLN A 797 17.94 -24.73 6.11
CA GLN A 797 18.80 -25.85 5.71
C GLN A 797 19.61 -26.37 6.89
N PRO A 798 19.55 -27.66 7.22
CA PRO A 798 20.40 -28.18 8.30
C PRO A 798 21.88 -28.14 7.93
N ILE A 799 22.74 -28.17 8.96
CA ILE A 799 24.19 -28.18 8.76
C ILE A 799 24.77 -29.59 8.92
N THR A 800 25.65 -29.94 7.99
CA THR A 800 26.28 -31.25 7.97
C THR A 800 27.77 -31.07 8.12
N PRO A 801 28.35 -31.47 9.26
CA PRO A 801 29.78 -31.28 9.51
C PRO A 801 30.64 -32.07 8.54
N GLY A 802 31.88 -31.63 8.36
CA GLY A 802 32.85 -32.39 7.60
C GLY A 802 33.24 -33.69 8.29
N PRO A 803 33.96 -34.57 7.59
CA PRO A 803 34.39 -35.83 8.25
C PRO A 803 35.41 -35.57 9.35
N SER A 804 35.34 -36.40 10.41
CA SER A 804 36.40 -36.46 11.40
C SER A 804 37.68 -37.01 10.80
N ILE A 805 37.61 -38.26 10.32
CA ILE A 805 38.73 -38.93 9.66
C ILE A 805 38.70 -38.42 8.23
N PRO A 806 39.75 -37.78 7.70
CA PRO A 806 39.71 -37.38 6.27
C PRO A 806 39.66 -38.59 5.34
N GLY A 807 38.81 -38.50 4.33
CA GLY A 807 38.60 -39.63 3.41
C GLY A 807 37.45 -40.49 3.89
N ALA A 808 36.91 -40.17 5.05
CA ALA A 808 35.77 -40.92 5.58
C ALA A 808 34.52 -40.50 4.83
N PRO A 809 33.47 -41.32 4.81
CA PRO A 809 32.29 -41.02 4.07
C PRO A 809 31.61 -39.78 4.66
N GLN A 810 31.03 -38.98 3.78
CA GLN A 810 30.35 -37.73 4.19
C GLN A 810 29.23 -38.08 5.15
N PRO A 811 29.12 -37.40 6.29
CA PRO A 811 28.15 -37.78 7.30
C PRO A 811 26.74 -37.23 7.18
N ILE A 812 26.00 -37.50 8.24
CA ILE A 812 24.62 -37.08 8.55
C ILE A 812 24.64 -35.60 8.91
N PRO A 813 23.54 -34.87 8.78
CA PRO A 813 23.49 -33.49 9.19
C PRO A 813 23.23 -33.52 10.69
N ARG A 814 23.80 -32.60 11.45
CA ARG A 814 23.63 -32.69 12.92
C ARG A 814 23.01 -31.44 13.51
N LEU A 815 23.00 -30.33 12.77
CA LEU A 815 22.52 -29.07 13.30
C LEU A 815 21.34 -28.60 12.47
N PHE A 816 20.14 -28.59 13.07
CA PHE A 816 18.86 -28.25 12.45
C PHE A 816 18.29 -26.94 13.00
N PHE A 817 17.55 -26.19 12.18
CA PHE A 817 17.03 -24.87 12.57
C PHE A 817 15.52 -24.82 12.41
N ALA A 818 14.89 -24.24 13.40
CA ALA A 818 13.44 -23.98 13.36
C ALA A 818 13.21 -22.57 13.90
N GLY A 819 11.95 -22.23 14.09
CA GLY A 819 11.64 -20.88 14.59
C GLY A 819 10.93 -20.08 13.53
N GLU A 820 10.49 -18.89 13.91
CA GLU A 820 9.70 -17.98 13.06
C GLU A 820 10.45 -17.62 11.79
N HIS A 821 11.77 -17.47 11.83
CA HIS A 821 12.50 -16.99 10.64
C HIS A 821 12.86 -18.12 9.70
N THR A 822 12.45 -19.36 9.95
CA THR A 822 12.88 -20.43 9.04
C THR A 822 11.74 -20.83 8.11
N ILE A 823 10.52 -20.50 8.45
CA ILE A 823 9.41 -20.94 7.57
C ILE A 823 9.08 -19.81 6.62
N ARG A 824 9.45 -19.96 5.36
CA ARG A 824 9.32 -18.91 4.33
C ARG A 824 7.88 -18.53 4.04
N ASN A 825 6.95 -19.46 4.06
CA ASN A 825 5.59 -19.06 3.66
C ASN A 825 4.80 -18.47 4.82
N TYR A 826 5.19 -18.74 6.05
CA TYR A 826 4.39 -18.22 7.19
C TYR A 826 5.31 -17.63 8.24
N PRO A 827 6.17 -16.66 7.93
CA PRO A 827 7.09 -16.12 8.89
C PRO A 827 6.50 -15.11 9.85
N ALA A 828 7.28 -14.75 10.84
CA ALA A 828 6.96 -13.73 11.85
C ALA A 828 5.67 -14.04 12.60
N THR A 829 5.20 -15.26 12.61
CA THR A 829 3.98 -15.53 13.36
C THR A 829 4.17 -16.71 14.31
N VAL A 830 3.18 -16.94 15.14
CA VAL A 830 3.26 -18.08 16.08
C VAL A 830 2.92 -19.32 15.28
N HIS A 831 1.95 -19.23 14.40
CA HIS A 831 1.60 -20.44 13.63
C HIS A 831 2.78 -20.85 12.75
N GLY A 832 3.53 -19.91 12.21
CA GLY A 832 4.72 -20.27 11.43
C GLY A 832 5.76 -20.88 12.34
N ALA A 833 5.85 -20.40 13.56
CA ALA A 833 6.81 -20.99 14.49
C ALA A 833 6.28 -22.36 14.89
N LEU A 834 4.99 -22.57 14.99
CA LEU A 834 4.61 -23.94 15.36
C LEU A 834 4.95 -24.84 14.19
N LEU A 835 4.64 -24.41 12.99
CA LEU A 835 4.89 -25.25 11.81
C LEU A 835 6.37 -25.55 11.65
N SER A 836 7.25 -24.59 11.92
CA SER A 836 8.69 -24.82 11.76
C SER A 836 9.09 -25.98 12.65
N GLY A 837 8.64 -25.97 13.89
CA GLY A 837 9.01 -27.07 14.79
C GLY A 837 8.49 -28.38 14.28
N LEU A 838 7.27 -28.41 13.78
CA LEU A 838 6.75 -29.68 13.25
C LEU A 838 7.59 -30.09 12.06
N ARG A 839 7.97 -29.17 11.21
CA ARG A 839 8.76 -29.59 10.04
C ARG A 839 10.07 -30.18 10.51
N GLU A 840 10.76 -29.58 11.47
CA GLU A 840 12.09 -30.12 11.80
C GLU A 840 11.97 -31.48 12.46
N ALA A 841 10.99 -31.66 13.32
CA ALA A 841 10.82 -32.96 13.99
C ALA A 841 10.74 -34.00 12.90
N GLY A 842 9.91 -33.76 11.91
CA GLY A 842 9.81 -34.71 10.82
C GLY A 842 11.14 -34.97 10.13
N ARG A 843 11.93 -33.93 9.92
CA ARG A 843 13.18 -34.06 9.19
C ARG A 843 14.21 -34.82 10.02
N ILE A 844 14.20 -34.56 11.33
CA ILE A 844 15.11 -35.22 12.25
C ILE A 844 14.76 -36.69 12.38
N ALA A 845 13.47 -36.98 12.63
CA ALA A 845 13.04 -38.36 12.66
C ALA A 845 13.41 -39.09 11.37
N ASP A 846 13.23 -38.45 10.23
CA ASP A 846 13.58 -39.09 8.96
C ASP A 846 15.07 -39.45 8.89
N GLN A 847 15.87 -38.81 9.71
CA GLN A 847 17.30 -39.11 9.57
C GLN A 847 17.71 -40.06 10.66
N PHE A 848 17.14 -39.93 11.84
CA PHE A 848 17.60 -40.80 12.93
C PHE A 848 16.73 -42.03 13.09
N LEU A 849 15.43 -41.90 12.96
CA LEU A 849 14.59 -43.11 13.10
C LEU A 849 14.46 -43.78 11.76
N GLY A 850 14.65 -43.03 10.70
CA GLY A 850 14.54 -43.59 9.34
C GLY A 850 13.14 -43.48 8.80
N ALA A 851 13.00 -43.37 7.49
CA ALA A 851 11.64 -43.26 6.95
C ALA A 851 11.33 -44.62 6.35
N MET A 852 10.24 -45.24 6.76
CA MET A 852 9.93 -46.55 6.15
C MET A 852 8.71 -46.39 5.25
N TYR A 853 8.36 -45.15 4.90
CA TYR A 853 7.16 -44.86 4.09
C TYR A 853 7.52 -44.45 2.65
N THR A 854 8.78 -44.57 2.26
CA THR A 854 9.13 -44.13 0.88
C THR A 854 9.30 -45.33 -0.04
N LEU A 855 8.86 -46.52 0.37
CA LEU A 855 9.07 -47.71 -0.49
C LEU A 855 7.74 -48.21 -1.08
N ARG B 12 -1.21 -3.85 -14.24
CA ARG B 12 -0.94 -3.55 -15.65
C ARG B 12 -1.35 -2.10 -16.01
N LYS B 13 -2.11 -1.45 -15.15
CA LYS B 13 -2.32 0.00 -15.23
C LYS B 13 -2.40 0.59 -13.84
N PRO B 14 -1.87 1.81 -13.64
CA PRO B 14 -1.83 2.37 -12.30
C PRO B 14 -3.24 2.68 -11.81
N PRO B 15 -3.47 2.65 -10.51
CA PRO B 15 -4.82 2.93 -10.01
C PRO B 15 -5.27 4.27 -10.52
N LYS B 16 -6.52 4.32 -10.98
CA LYS B 16 -6.98 5.49 -11.74
C LYS B 16 -7.01 6.71 -10.83
N GLY B 17 -6.40 7.81 -11.30
CA GLY B 17 -6.13 8.95 -10.45
C GLY B 17 -4.76 8.93 -9.78
N MET B 18 -3.93 7.92 -10.05
CA MET B 18 -2.50 7.93 -9.77
C MET B 18 -1.75 8.19 -11.07
N PHE B 19 -0.72 9.01 -11.00
CA PHE B 19 0.04 9.38 -12.17
C PHE B 19 1.48 8.97 -11.98
N LEU B 20 1.99 8.17 -12.91
CA LEU B 20 3.21 7.40 -12.71
C LEU B 20 3.70 7.03 -14.09
N SER B 21 4.83 7.57 -14.49
CA SER B 21 5.36 7.24 -15.81
C SER B 21 6.87 7.13 -15.69
N GLN B 22 7.45 6.17 -16.42
CA GLN B 22 8.90 6.01 -16.42
C GLN B 22 9.59 7.37 -16.39
N GLU B 23 9.28 8.20 -17.40
CA GLU B 23 9.77 9.56 -17.50
C GLU B 23 9.71 10.31 -16.16
N ASP B 24 8.51 10.40 -15.56
CA ASP B 24 8.35 11.14 -14.31
C ASP B 24 9.16 10.51 -13.19
N VAL B 25 9.27 9.17 -13.16
CA VAL B 25 9.86 8.49 -12.01
C VAL B 25 11.37 8.69 -12.00
N GLU B 26 12.02 8.42 -13.14
CA GLU B 26 13.45 8.68 -13.27
C GLU B 26 13.79 10.12 -12.87
N ALA B 27 12.95 11.08 -13.24
CA ALA B 27 13.22 12.48 -12.96
C ALA B 27 13.31 12.74 -11.46
N VAL B 28 12.46 12.09 -10.67
CA VAL B 28 12.40 12.38 -9.24
C VAL B 28 13.39 11.54 -8.43
N SER B 29 14.02 10.54 -9.07
CA SER B 29 14.99 9.68 -8.41
C SER B 29 16.41 9.96 -8.83
N ALA B 30 16.64 11.01 -9.63
CA ALA B 30 17.99 11.26 -10.14
C ALA B 30 18.97 11.59 -9.02
N ASN B 31 18.49 12.20 -7.93
CA ASN B 31 19.37 12.42 -6.78
C ASN B 31 18.47 12.48 -5.55
N ALA B 32 19.02 12.96 -4.44
CA ALA B 32 18.20 13.14 -3.25
C ALA B 32 17.23 14.31 -3.41
N THR B 33 17.75 15.49 -3.77
CA THR B 33 16.97 16.72 -3.87
C THR B 33 16.17 16.83 -5.18
N ALA B 34 16.34 15.92 -6.14
CA ALA B 34 15.65 16.03 -7.43
C ALA B 34 14.15 16.15 -7.26
N ALA B 35 13.61 15.66 -6.14
CA ALA B 35 12.20 15.81 -5.82
C ALA B 35 11.85 17.25 -5.55
N THR B 36 12.36 17.83 -4.45
CA THR B 36 12.13 19.24 -4.16
C THR B 36 12.57 20.15 -5.31
N THR B 37 13.65 19.80 -6.01
CA THR B 37 13.99 20.54 -7.23
C THR B 37 12.82 20.58 -8.21
N VAL B 38 12.35 19.41 -8.67
CA VAL B 38 11.18 19.38 -9.55
C VAL B 38 10.01 20.19 -9.01
N LEU B 39 9.74 20.11 -7.72
CA LEU B 39 8.56 20.77 -7.19
C LEU B 39 8.76 22.26 -6.91
N ARG B 40 10.00 22.73 -6.79
CA ARG B 40 10.23 24.17 -6.75
C ARG B 40 10.00 24.78 -8.12
N GLN B 41 10.63 24.23 -9.16
CA GLN B 41 10.38 24.70 -10.53
C GLN B 41 8.88 24.84 -10.82
N LEU B 42 8.08 23.91 -10.33
CA LEU B 42 6.66 23.95 -10.65
C LEU B 42 5.95 25.00 -9.81
N ASP B 43 6.38 25.21 -8.56
CA ASP B 43 5.88 26.36 -7.83
C ASP B 43 6.18 27.66 -8.56
N MET B 44 7.32 27.73 -9.25
CA MET B 44 7.74 29.02 -9.77
C MET B 44 7.05 29.31 -11.08
N GLU B 45 6.93 28.30 -11.94
CA GLU B 45 6.04 28.39 -13.08
C GLU B 45 4.63 28.82 -12.68
N LEU B 46 4.24 28.55 -11.43
CA LEU B 46 2.89 28.93 -11.01
C LEU B 46 2.78 30.43 -10.79
N VAL B 47 3.58 30.90 -9.85
CA VAL B 47 3.63 32.34 -9.47
C VAL B 47 3.80 33.14 -10.74
N SER B 48 4.71 32.71 -11.58
CA SER B 48 4.96 33.48 -12.81
C SER B 48 3.68 33.48 -13.64
N VAL B 49 3.03 32.34 -13.81
CA VAL B 49 1.79 32.41 -14.62
C VAL B 49 0.76 33.21 -13.86
N LYS B 50 0.67 33.00 -12.56
CA LYS B 50 -0.37 33.73 -11.80
C LYS B 50 -0.08 35.21 -11.92
N ARG B 51 1.17 35.62 -11.75
CA ARG B 51 1.47 37.08 -11.84
C ARG B 51 1.17 37.56 -13.25
N GLN B 52 1.48 36.77 -14.28
CA GLN B 52 1.20 37.20 -15.66
C GLN B 52 -0.30 37.43 -15.82
N ILE B 53 -1.13 36.55 -15.26
CA ILE B 53 -2.59 36.75 -15.34
C ILE B 53 -2.93 38.14 -14.82
N GLN B 54 -2.43 38.52 -13.65
CA GLN B 54 -2.69 39.85 -13.10
C GLN B 54 -2.48 40.96 -14.12
N ASN B 55 -1.39 40.87 -14.85
CA ASN B 55 -1.07 41.91 -15.85
C ASN B 55 -2.19 41.98 -16.87
N ILE B 56 -2.47 40.87 -17.53
CA ILE B 56 -3.50 40.92 -18.60
C ILE B 56 -4.84 41.31 -18.00
N LYS B 57 -5.19 40.84 -16.81
CA LYS B 57 -6.46 41.30 -16.22
C LYS B 57 -6.38 42.81 -16.04
N GLN B 58 -5.27 43.34 -15.53
CA GLN B 58 -5.19 44.81 -15.40
C GLN B 58 -5.17 45.44 -16.79
N THR B 59 -4.40 44.89 -17.71
CA THR B 59 -4.32 45.50 -19.05
C THR B 59 -5.68 45.43 -19.72
N ASN B 60 -6.34 44.29 -19.64
CA ASN B 60 -7.68 44.13 -20.26
C ASN B 60 -8.67 45.06 -19.57
N SER B 61 -8.54 45.27 -18.26
CA SER B 61 -9.49 46.18 -17.58
C SER B 61 -9.38 47.57 -18.19
N ALA B 62 -8.18 48.05 -18.46
CA ALA B 62 -8.07 49.42 -19.00
C ALA B 62 -8.80 49.51 -20.33
N LEU B 63 -8.59 48.55 -21.23
CA LEU B 63 -9.23 48.61 -22.55
C LEU B 63 -10.74 48.68 -22.36
N LYS B 64 -11.24 47.93 -21.40
CA LYS B 64 -12.69 47.94 -21.25
C LYS B 64 -13.18 49.34 -20.90
N GLU B 65 -12.40 50.10 -20.14
CA GLU B 65 -12.77 51.47 -19.83
C GLU B 65 -12.83 52.33 -21.10
N LYS B 66 -11.90 52.10 -22.03
CA LYS B 66 -11.89 52.87 -23.28
C LYS B 66 -13.10 52.58 -24.15
N LEU B 67 -13.65 51.37 -24.06
CA LEU B 67 -14.85 51.03 -24.82
C LEU B 67 -16.12 51.35 -24.04
N ASP B 68 -16.00 52.27 -23.10
CA ASP B 68 -17.16 52.67 -22.27
C ASP B 68 -18.25 53.20 -23.21
N GLY B 69 -19.45 52.64 -23.11
CA GLY B 69 -20.59 53.10 -23.91
C GLY B 69 -20.64 52.47 -25.29
N GLY B 70 -19.70 51.61 -25.61
CA GLY B 70 -19.72 50.95 -26.92
C GLY B 70 -19.78 51.94 -28.06
N ILE B 71 -20.67 51.70 -29.00
CA ILE B 71 -20.82 52.60 -30.18
C ILE B 71 -22.27 53.05 -30.28
N GLU B 72 -22.98 53.09 -29.16
CA GLU B 72 -24.41 53.44 -29.28
C GLU B 72 -24.59 54.85 -29.83
N PRO B 73 -23.82 55.87 -29.44
CA PRO B 73 -24.00 57.19 -29.97
C PRO B 73 -23.74 57.24 -31.48
N TYR B 74 -22.78 56.46 -31.94
CA TYR B 74 -22.35 56.49 -33.35
C TYR B 74 -23.22 55.59 -34.23
N ARG B 75 -24.23 54.93 -33.69
CA ARG B 75 -25.04 54.04 -34.55
C ARG B 75 -26.02 54.87 -35.37
N LEU B 76 -26.45 54.34 -36.50
CA LEU B 76 -27.39 55.06 -37.40
C LEU B 76 -28.61 54.22 -37.65
N PRO B 77 -29.80 54.83 -37.83
CA PRO B 77 -31.02 54.09 -38.07
C PRO B 77 -30.94 53.36 -39.41
N GLU B 78 -31.51 52.16 -39.44
CA GLU B 78 -31.52 51.30 -40.66
C GLU B 78 -32.49 51.88 -41.69
N VAL B 79 -32.17 51.69 -42.97
CA VAL B 79 -33.06 52.14 -44.08
C VAL B 79 -33.72 50.89 -44.65
N ILE B 80 -35.02 50.95 -44.84
CA ILE B 80 -35.83 49.85 -45.36
C ILE B 80 -36.74 50.41 -46.43
N GLN B 81 -36.66 49.87 -47.65
CA GLN B 81 -37.49 50.35 -48.75
C GLN B 81 -37.48 49.28 -49.83
N LYS B 82 -38.67 48.91 -50.29
CA LYS B 82 -38.84 47.81 -51.22
C LYS B 82 -37.92 47.94 -52.41
N CYS B 83 -37.18 46.87 -52.70
CA CYS B 83 -36.38 46.80 -53.92
C CYS B 83 -37.21 47.12 -55.16
N ASN B 84 -36.83 48.17 -55.88
CA ASN B 84 -37.48 48.54 -57.12
C ASN B 84 -36.86 47.81 -58.31
N ALA B 85 -37.33 48.13 -59.51
CA ALA B 85 -36.89 47.46 -60.72
C ALA B 85 -36.16 48.41 -61.67
N ARG B 86 -36.75 49.57 -61.96
CA ARG B 86 -36.19 50.50 -62.93
C ARG B 86 -34.98 51.24 -62.36
N TRP B 87 -34.07 51.66 -63.27
CA TRP B 87 -32.89 52.44 -62.94
C TRP B 87 -33.17 53.91 -63.20
N THR B 88 -33.32 54.71 -62.13
CA THR B 88 -33.32 56.16 -62.34
C THR B 88 -31.96 56.52 -62.92
N THR B 89 -31.91 57.62 -63.66
CA THR B 89 -30.61 58.14 -64.03
C THR B 89 -29.75 58.32 -62.79
N GLU B 90 -30.38 58.79 -61.71
CA GLU B 90 -29.65 59.07 -60.47
C GLU B 90 -29.03 57.78 -59.92
N GLU B 91 -29.80 56.68 -59.92
CA GLU B 91 -29.32 55.43 -59.32
C GLU B 91 -28.18 54.84 -60.11
N GLN B 92 -28.25 54.89 -61.45
CA GLN B 92 -27.14 54.41 -62.25
C GLN B 92 -25.86 55.14 -61.85
N LEU B 93 -25.98 56.46 -61.61
CA LEU B 93 -24.80 57.28 -61.32
C LEU B 93 -24.23 56.95 -59.95
N LEU B 94 -25.09 56.66 -58.97
CA LEU B 94 -24.62 56.06 -57.74
C LEU B 94 -23.82 54.79 -58.00
N ALA B 95 -24.23 54.01 -59.00
CA ALA B 95 -23.63 52.70 -59.22
C ALA B 95 -22.21 52.81 -59.75
N VAL B 96 -22.03 53.47 -60.91
CA VAL B 96 -20.70 53.81 -61.42
C VAL B 96 -19.76 54.28 -60.32
N GLN B 97 -20.29 55.00 -59.35
CA GLN B 97 -19.43 55.47 -58.29
C GLN B 97 -19.11 54.39 -57.28
N ALA B 98 -20.12 53.60 -56.90
CA ALA B 98 -19.90 52.52 -55.95
C ALA B 98 -18.98 51.47 -56.54
N ILE B 99 -19.08 51.24 -57.86
CA ILE B 99 -18.12 50.37 -58.52
C ILE B 99 -16.71 50.91 -58.32
N ARG B 100 -16.53 52.20 -58.56
CA ARG B 100 -15.15 52.74 -58.46
C ARG B 100 -14.70 52.67 -57.01
N LYS B 101 -15.63 52.80 -56.08
CA LYS B 101 -15.15 52.79 -54.69
C LYS B 101 -15.27 51.39 -54.11
N TYR B 102 -15.93 50.48 -54.80
CA TYR B 102 -16.09 49.19 -54.11
C TYR B 102 -15.62 47.99 -54.94
N GLY B 103 -15.05 48.21 -56.12
CA GLY B 103 -14.58 47.07 -56.93
C GLY B 103 -15.71 46.14 -57.34
N ARG B 104 -15.82 44.97 -56.70
CA ARG B 104 -16.86 43.99 -57.09
C ARG B 104 -17.72 43.60 -55.90
N ASP B 105 -17.60 44.24 -54.75
CA ASP B 105 -18.41 43.72 -53.63
C ASP B 105 -19.84 44.19 -53.87
N PHE B 106 -20.64 43.32 -54.50
CA PHE B 106 -22.01 43.71 -54.88
C PHE B 106 -22.84 44.08 -53.66
N GLN B 107 -22.67 43.38 -52.55
CA GLN B 107 -23.45 43.70 -51.33
C GLN B 107 -23.24 45.18 -51.01
N ALA B 108 -21.99 45.63 -51.05
CA ALA B 108 -21.72 47.05 -50.79
C ALA B 108 -22.48 47.87 -51.82
N ILE B 109 -22.18 47.63 -53.09
CA ILE B 109 -22.86 48.36 -54.18
C ILE B 109 -24.36 48.26 -53.96
N SER B 110 -24.77 47.33 -53.14
CA SER B 110 -26.19 47.14 -52.83
C SER B 110 -26.55 48.17 -51.79
N ASP B 111 -25.97 47.97 -50.61
CA ASP B 111 -26.18 48.81 -49.41
C ASP B 111 -26.17 50.26 -49.84
N VAL B 112 -25.28 50.62 -50.78
CA VAL B 112 -25.30 52.02 -51.21
C VAL B 112 -26.62 52.38 -51.88
N ILE B 113 -26.89 51.75 -53.04
CA ILE B 113 -28.01 52.19 -53.86
C ILE B 113 -29.32 52.05 -53.10
N GLY B 114 -29.45 50.99 -52.31
CA GLY B 114 -30.58 50.87 -51.39
C GLY B 114 -31.85 50.29 -51.96
N ASN B 115 -32.22 50.74 -53.14
CA ASN B 115 -33.46 50.21 -53.75
C ASN B 115 -33.11 49.11 -54.76
N LYS B 116 -32.06 49.29 -55.54
CA LYS B 116 -31.67 48.11 -56.34
C LYS B 116 -31.07 47.17 -55.30
N SER B 117 -31.45 45.91 -55.29
CA SER B 117 -30.94 45.02 -54.22
C SER B 117 -29.56 44.46 -54.54
N VAL B 118 -29.50 43.22 -55.05
CA VAL B 118 -28.19 42.57 -55.29
C VAL B 118 -28.14 41.95 -56.68
N VAL B 119 -29.14 41.14 -56.96
CA VAL B 119 -29.12 40.40 -58.25
C VAL B 119 -29.04 41.43 -59.38
N GLN B 120 -29.92 42.44 -59.33
CA GLN B 120 -29.93 43.42 -60.45
C GLN B 120 -28.54 43.99 -60.68
N VAL B 121 -27.77 44.23 -59.62
CA VAL B 121 -26.43 44.81 -59.76
C VAL B 121 -25.60 43.94 -60.69
N LYS B 122 -25.62 42.61 -60.55
CA LYS B 122 -24.78 41.80 -61.47
C LYS B 122 -25.27 42.00 -62.88
N ASN B 123 -26.58 42.01 -63.10
CA ASN B 123 -27.12 42.22 -64.45
C ASN B 123 -26.68 43.60 -64.93
N PHE B 124 -27.08 44.63 -64.19
CA PHE B 124 -26.71 46.04 -64.49
C PHE B 124 -25.23 46.12 -64.79
N PHE B 125 -24.51 45.23 -64.13
CA PHE B 125 -23.06 45.20 -64.29
C PHE B 125 -22.76 44.91 -65.75
N VAL B 126 -23.45 43.94 -66.34
CA VAL B 126 -23.20 43.60 -67.77
C VAL B 126 -24.12 44.43 -68.66
N ASN B 127 -25.29 44.79 -68.16
CA ASN B 127 -26.22 45.49 -69.08
C ASN B 127 -25.64 46.82 -69.54
N TYR B 128 -25.05 47.59 -68.65
CA TYR B 128 -24.54 48.89 -69.11
C TYR B 128 -23.03 48.83 -69.18
N ARG B 129 -22.49 47.60 -69.19
CA ARG B 129 -21.03 47.46 -69.12
C ARG B 129 -20.39 48.20 -70.30
N ARG B 130 -20.96 48.07 -71.47
CA ARG B 130 -20.40 48.76 -72.65
C ARG B 130 -20.53 50.27 -72.45
N ARG B 131 -21.72 50.73 -72.07
CA ARG B 131 -22.00 52.18 -71.97
C ARG B 131 -21.25 52.84 -70.82
N PHE B 132 -21.17 52.17 -69.69
CA PHE B 132 -20.54 52.85 -68.52
C PHE B 132 -19.06 52.59 -68.44
N ASN B 133 -18.49 51.87 -69.40
CA ASN B 133 -17.03 51.59 -69.43
C ASN B 133 -16.59 51.00 -68.10
N ILE B 134 -17.31 50.01 -67.60
CA ILE B 134 -17.02 49.44 -66.27
C ILE B 134 -15.61 48.86 -66.27
N ASP B 135 -15.24 48.17 -67.34
CA ASP B 135 -13.89 47.62 -67.54
C ASP B 135 -12.90 48.71 -67.12
N GLU B 136 -13.04 49.89 -67.71
CA GLU B 136 -12.12 50.95 -67.28
C GLU B 136 -12.29 51.27 -65.82
N VAL B 137 -13.55 51.43 -65.39
CA VAL B 137 -13.82 51.80 -64.01
C VAL B 137 -13.27 50.73 -63.07
N LEU B 138 -13.42 49.48 -63.44
CA LEU B 138 -12.94 48.39 -62.61
C LEU B 138 -11.42 48.29 -62.66
N GLN B 139 -10.86 48.39 -63.87
CA GLN B 139 -9.41 48.36 -64.06
C GLN B 139 -8.73 49.37 -63.15
N GLU B 140 -9.26 50.57 -63.11
CA GLU B 140 -8.70 51.66 -62.33
C GLU B 140 -9.10 51.59 -60.85
N TRP B 141 -10.10 50.77 -60.51
CA TRP B 141 -10.32 50.48 -59.10
C TRP B 141 -9.25 49.54 -58.55
N GLU B 142 -8.90 48.49 -59.30
CA GLU B 142 -7.84 47.59 -58.86
C GLU B 142 -6.54 48.35 -58.62
N ALA B 143 -6.34 49.44 -59.36
CA ALA B 143 -5.12 50.23 -59.27
C ALA B 143 -4.87 50.75 -57.85
N GLU B 144 -5.93 50.95 -57.05
CA GLU B 144 -5.75 51.46 -55.67
C GLU B 144 -4.90 50.52 -54.80
N PRO C 1 1.95 -8.86 4.75
CA PRO C 1 1.17 -8.78 5.98
C PRO C 1 0.74 -7.34 6.30
N ARG C 2 -0.50 -7.18 6.73
CA ARG C 2 -1.10 -5.88 7.13
C ARG C 2 -2.31 -6.16 8.03
N SER C 3 -2.91 -5.17 8.67
CA SER C 3 -4.08 -5.54 9.50
C SER C 3 -5.26 -4.59 9.33
N PHE C 4 -6.47 -5.15 9.36
CA PHE C 4 -7.81 -4.50 9.22
C PHE C 4 -7.73 -3.19 8.42
#